data_4QFP
#
_entry.id   4QFP
#
_cell.length_a   105.949
_cell.length_b   105.949
_cell.length_c   101.263
_cell.angle_alpha   90.00
_cell.angle_beta   90.00
_cell.angle_gamma   120.00
#
_symmetry.space_group_name_H-M   'P 32'
#
loop_
_entity.id
_entity.type
_entity.pdbx_description
1 polymer 'ABC transporter periplasmic peptide-binding protein'
2 non-polymer VALINE
3 non-polymer THREONINE
4 non-polymer 'PHOSPHATE ION'
5 non-polymer GLYCEROL
6 water water
#
_entity_poly.entity_id   1
_entity_poly.type   'polypeptide(L)'
_entity_poly.pdbx_seq_one_letter_code
;MHKLLLALLSLSLVGCIDSKEEILEEKNQGLVYCAEANPVSFNPQVTTTGSTIDIIANQLYDRLISIDPVTAEFKSELAT
DWKISKDGKSVTFTLRKGVKFHTTAYFTPTREFNADDVIFTFSRLFDVYNPYHFVGDANYPYFQSVGIDQLIRKIVRVSD
HQVRFELFNAESSFLANMATDFAVVLSKEYAMALKANNQENLFDQYPVGTGPYIYKEYRRDHLVRFYKNADYWKHEVALE
QLVYDITPNGTTRIAKILTKECDVTAHPSSAQLSILAQRDDINVERETNLNIGYWAFNTERPPFDNLKVRQALVHAIDIE
KIMQAVYYGNGLRARSILPPTSWAFEPQKNMPIFDPQLAKKLLTEAGYEKGFDMSIWAMPVSRIYNPNARKMAELMQSDL
RKIGVNVNIVEYEWNTFIQRIGEHRHDSVLLGWAADTPDPDNFFSPLLSCTATFSGKNPANWCNPEFDLLLTKALDTTDL
NLRKQYYDAAQSMIIEQLPLYPIAHGMRFQASSADVEGITLGPFGAISLANARKKHHHHHH
;
_entity_poly.pdbx_strand_id   A,B
#
# COMPACT_ATOMS: atom_id res chain seq x y z
N GLN A 29 27.35 -20.37 -1.73
CA GLN A 29 26.54 -20.51 -2.94
C GLN A 29 26.40 -19.17 -3.70
N GLY A 30 25.77 -19.23 -4.86
CA GLY A 30 25.60 -18.06 -5.68
C GLY A 30 24.14 -17.88 -6.05
N LEU A 31 23.84 -16.78 -6.70
CA LEU A 31 22.49 -16.52 -7.12
C LEU A 31 22.50 -16.03 -8.56
N VAL A 32 21.61 -16.58 -9.39
CA VAL A 32 21.45 -16.06 -10.74
C VAL A 32 20.14 -15.28 -10.85
N TYR A 33 20.23 -14.07 -11.38
CA TYR A 33 19.13 -13.13 -11.41
C TYR A 33 18.86 -12.77 -12.88
N CYS A 34 17.70 -13.16 -13.40
CA CYS A 34 17.32 -12.82 -14.78
C CYS A 34 16.93 -11.36 -14.88
N ALA A 35 17.77 -10.58 -15.56
CA ALA A 35 17.57 -9.14 -15.65
C ALA A 35 17.06 -8.80 -17.05
N GLU A 36 16.30 -7.71 -17.17
CA GLU A 36 15.64 -7.40 -18.44
C GLU A 36 16.46 -6.59 -19.45
N ALA A 37 17.60 -6.04 -19.04
CA ALA A 37 18.39 -5.24 -19.97
C ALA A 37 19.82 -5.05 -19.47
N ASN A 38 20.71 -4.61 -20.35
CA ASN A 38 22.09 -4.29 -19.95
C ASN A 38 22.09 -3.13 -18.98
N PRO A 39 23.12 -3.05 -18.13
CA PRO A 39 23.34 -1.79 -17.42
C PRO A 39 23.96 -0.84 -18.41
N VAL A 40 23.65 0.45 -18.33
CA VAL A 40 24.18 1.41 -19.28
C VAL A 40 25.44 2.05 -18.72
N SER A 41 25.74 1.72 -17.47
CA SER A 41 26.89 2.26 -16.77
C SER A 41 26.98 1.57 -15.42
N PHE A 42 28.12 1.70 -14.75
CA PHE A 42 28.25 1.17 -13.40
C PHE A 42 28.33 2.29 -12.37
N ASN A 43 27.94 3.47 -12.82
CA ASN A 43 27.74 4.63 -11.97
C ASN A 43 26.27 5.08 -12.01
N PRO A 44 25.56 4.96 -10.88
CA PRO A 44 24.15 5.33 -10.77
C PRO A 44 23.89 6.77 -11.18
N GLN A 45 24.89 7.66 -11.08
CA GLN A 45 24.67 9.08 -11.31
C GLN A 45 24.23 9.40 -12.73
N VAL A 46 24.63 8.57 -13.68
CA VAL A 46 24.45 8.93 -15.09
C VAL A 46 23.16 8.40 -15.75
N THR A 47 22.28 7.79 -14.95
CA THR A 47 21.06 7.20 -15.53
C THR A 47 19.85 7.28 -14.61
N THR A 48 18.66 7.22 -15.21
CA THR A 48 17.45 7.09 -14.43
C THR A 48 16.69 5.82 -14.79
N THR A 49 17.34 4.93 -15.52
CA THR A 49 16.69 3.71 -15.98
C THR A 49 16.73 2.64 -14.90
N GLY A 50 15.56 2.19 -14.47
CA GLY A 50 15.48 1.26 -13.35
C GLY A 50 16.26 -0.01 -13.58
N SER A 51 16.36 -0.42 -14.84
CA SER A 51 17.09 -1.64 -15.22
C SER A 51 18.55 -1.58 -14.81
N THR A 52 19.15 -0.41 -14.98
CA THR A 52 20.55 -0.25 -14.62
C THR A 52 20.65 -0.14 -13.09
N ILE A 53 19.86 0.75 -12.51
CA ILE A 53 19.91 0.99 -11.06
C ILE A 53 19.67 -0.28 -10.25
N ASP A 54 18.72 -1.10 -10.67
CA ASP A 54 18.45 -2.36 -9.96
C ASP A 54 19.69 -3.25 -9.88
N ILE A 55 20.51 -3.25 -10.93
CA ILE A 55 21.70 -4.09 -10.95
C ILE A 55 22.83 -3.53 -10.09
N ILE A 56 23.07 -2.22 -10.18
CA ILE A 56 24.33 -1.69 -9.67
C ILE A 56 24.27 -0.95 -8.33
N ALA A 57 23.15 -0.30 -8.05
CA ALA A 57 23.16 0.69 -6.97
C ALA A 57 23.30 0.11 -5.57
N ASN A 58 22.37 -0.76 -5.18
CA ASN A 58 22.42 -1.32 -3.84
C ASN A 58 23.47 -2.43 -3.72
N GLN A 59 23.96 -2.91 -4.86
CA GLN A 59 24.89 -4.02 -4.84
C GLN A 59 26.33 -3.56 -4.64
N LEU A 60 26.76 -2.58 -5.41
CA LEU A 60 28.16 -2.14 -5.40
C LEU A 60 28.44 -0.97 -4.46
N TYR A 61 27.39 -0.20 -4.12
CA TYR A 61 27.56 1.07 -3.40
C TYR A 61 26.75 1.22 -2.12
N ASP A 62 27.02 2.31 -1.40
CA ASP A 62 26.18 2.79 -0.30
C ASP A 62 25.92 4.28 -0.47
N ARG A 63 24.78 4.74 0.04
CA ARG A 63 24.45 6.17 0.12
C ARG A 63 24.88 6.69 1.48
N LEU A 64 24.75 8.01 1.67
CA LEU A 64 24.93 8.62 2.98
C LEU A 64 23.76 8.26 3.89
N ILE A 65 22.55 8.24 3.32
CA ILE A 65 21.36 7.89 4.10
C ILE A 65 20.35 7.13 3.24
N SER A 66 19.38 6.51 3.90
CA SER A 66 18.30 5.81 3.23
C SER A 66 17.01 6.09 3.98
N ILE A 67 15.90 5.54 3.50
CA ILE A 67 14.64 5.61 4.22
C ILE A 67 14.29 4.23 4.82
N ASP A 68 14.09 4.21 6.14
CA ASP A 68 13.89 2.96 6.86
C ASP A 68 12.55 2.30 6.48
N PRO A 69 12.58 0.99 6.21
CA PRO A 69 11.40 0.30 5.67
C PRO A 69 10.31 0.09 6.72
N VAL A 70 10.67 0.31 7.98
CA VAL A 70 9.74 0.14 9.09
C VAL A 70 9.16 1.46 9.55
N THR A 71 10.02 2.44 9.81
CA THR A 71 9.61 3.66 10.46
C THR A 71 9.36 4.76 9.44
N ALA A 72 9.79 4.51 8.20
CA ALA A 72 9.74 5.51 7.14
C ALA A 72 10.48 6.79 7.51
N GLU A 73 11.45 6.69 8.44
CA GLU A 73 12.29 7.83 8.79
C GLU A 73 13.62 7.72 8.05
N PHE A 74 14.34 8.84 7.91
CA PHE A 74 15.68 8.79 7.35
C PHE A 74 16.60 7.96 8.22
N LYS A 75 17.43 7.15 7.57
CA LYS A 75 18.21 6.12 8.26
C LYS A 75 19.69 6.29 7.94
N SER A 76 20.52 6.10 8.95
CA SER A 76 21.97 6.20 8.78
C SER A 76 22.51 5.15 7.81
N GLU A 77 23.33 5.60 6.85
CA GLU A 77 24.09 4.68 6.01
C GLU A 77 25.60 4.93 6.08
N LEU A 78 26.12 5.81 5.22
CA LEU A 78 27.53 6.20 5.32
C LEU A 78 27.66 7.44 6.20
N ALA A 79 26.57 8.17 6.37
CA ALA A 79 26.53 9.26 7.33
C ALA A 79 25.88 8.69 8.59
N THR A 80 26.43 9.03 9.76
CA THR A 80 25.90 8.54 11.02
C THR A 80 25.04 9.59 11.71
N ASP A 81 24.95 10.77 11.10
CA ASP A 81 24.23 11.88 11.70
C ASP A 81 24.11 13.03 10.70
N TRP A 82 23.05 13.81 10.78
CA TRP A 82 22.84 14.92 9.87
C TRP A 82 22.04 16.00 10.56
N LYS A 83 22.50 17.25 10.45
CA LYS A 83 21.88 18.36 11.17
C LYS A 83 21.56 19.49 10.20
N ILE A 84 20.27 19.80 10.05
CA ILE A 84 19.85 20.88 9.16
C ILE A 84 19.77 22.19 9.90
N SER A 85 20.40 23.23 9.35
CA SER A 85 20.38 24.54 9.98
C SER A 85 18.94 25.05 10.09
N LYS A 86 18.78 26.15 10.83
CA LYS A 86 17.46 26.70 11.12
C LYS A 86 16.81 27.34 9.89
N ASP A 87 17.60 27.99 9.04
CA ASP A 87 17.07 28.53 7.78
C ASP A 87 16.97 27.43 6.73
N GLY A 88 17.55 26.28 7.03
CA GLY A 88 17.49 25.13 6.17
C GLY A 88 18.42 25.20 4.97
N LYS A 89 19.38 26.12 5.01
CA LYS A 89 20.29 26.33 3.88
C LYS A 89 21.64 25.66 4.07
N SER A 90 21.85 25.06 5.24
CA SER A 90 23.06 24.28 5.50
C SER A 90 22.70 22.92 6.08
N VAL A 91 23.27 21.85 5.53
CA VAL A 91 23.09 20.51 6.09
C VAL A 91 24.43 19.81 6.33
N THR A 92 24.68 19.41 7.58
CA THR A 92 25.97 18.83 7.94
C THR A 92 25.88 17.33 8.20
N PHE A 93 26.70 16.57 7.48
CA PHE A 93 26.74 15.12 7.66
C PHE A 93 28.01 14.69 8.39
N THR A 94 27.84 13.96 9.49
CA THR A 94 28.98 13.30 10.12
C THR A 94 29.15 11.95 9.47
N LEU A 95 30.36 11.61 9.09
CA LEU A 95 30.61 10.42 8.27
C LEU A 95 31.09 9.21 9.08
N ARG A 96 30.69 8.03 8.64
CA ARG A 96 30.99 6.79 9.34
C ARG A 96 32.49 6.46 9.28
N LYS A 97 33.05 6.01 10.40
CA LYS A 97 34.46 5.62 10.43
C LYS A 97 34.68 4.18 10.02
N GLY A 98 35.86 3.89 9.47
CA GLY A 98 36.26 2.51 9.25
C GLY A 98 35.71 1.84 8.01
N VAL A 99 35.14 2.62 7.10
CA VAL A 99 34.58 2.07 5.87
C VAL A 99 35.62 1.92 4.76
N LYS A 100 35.77 0.71 4.24
CA LYS A 100 36.73 0.46 3.17
C LYS A 100 36.08 0.44 1.79
N PHE A 101 36.75 1.04 0.81
CA PHE A 101 36.39 0.87 -0.59
C PHE A 101 36.88 -0.49 -1.07
N HIS A 102 36.26 -1.01 -2.13
CA HIS A 102 36.60 -2.31 -2.66
C HIS A 102 38.06 -2.42 -3.08
N THR A 103 38.62 -3.59 -2.84
CA THR A 103 39.83 -4.01 -3.54
C THR A 103 39.37 -4.83 -4.72
N THR A 104 39.71 -4.39 -5.92
CA THR A 104 39.30 -5.08 -7.13
C THR A 104 40.54 -5.50 -7.87
N ALA A 105 40.35 -6.06 -9.07
CA ALA A 105 41.47 -6.46 -9.92
C ALA A 105 42.19 -5.24 -10.46
N TYR A 106 41.54 -4.09 -10.41
CA TYR A 106 42.07 -2.88 -11.03
C TYR A 106 42.30 -1.74 -10.04
N PHE A 107 42.02 -1.98 -8.76
CA PHE A 107 42.21 -0.95 -7.73
C PHE A 107 42.43 -1.50 -6.32
N THR A 108 43.44 -0.96 -5.65
CA THR A 108 43.65 -1.25 -4.24
C THR A 108 43.72 0.08 -3.51
N PRO A 109 42.80 0.32 -2.57
CA PRO A 109 42.76 1.57 -1.81
C PRO A 109 43.89 1.70 -0.79
N THR A 110 44.25 2.94 -0.49
CA THR A 110 45.34 3.23 0.42
C THR A 110 44.83 3.97 1.68
N ARG A 111 43.54 4.27 1.70
CA ARG A 111 42.91 4.94 2.83
C ARG A 111 41.42 4.58 2.83
N GLU A 112 40.73 4.90 3.91
CA GLU A 112 39.31 4.58 3.99
C GLU A 112 38.42 5.76 3.59
N PHE A 113 37.13 5.49 3.47
CA PHE A 113 36.13 6.47 3.12
C PHE A 113 36.21 7.71 4.02
N ASN A 114 36.20 8.90 3.41
CA ASN A 114 36.21 10.14 4.19
C ASN A 114 35.52 11.27 3.45
N ALA A 115 35.60 12.47 4.02
CA ALA A 115 34.92 13.64 3.50
C ALA A 115 35.28 13.97 2.05
N ASP A 116 36.51 13.69 1.66
CA ASP A 116 36.94 14.02 0.30
C ASP A 116 36.20 13.18 -0.74
N ASP A 117 35.86 11.96 -0.37
CA ASP A 117 35.06 11.11 -1.25
C ASP A 117 33.67 11.71 -1.47
N VAL A 118 33.07 12.20 -0.39
CA VAL A 118 31.74 12.81 -0.47
C VAL A 118 31.77 14.11 -1.28
N ILE A 119 32.79 14.91 -1.05
CA ILE A 119 32.91 16.19 -1.72
C ILE A 119 33.14 15.96 -3.20
N PHE A 120 34.04 15.02 -3.51
CA PHE A 120 34.28 14.69 -4.91
C PHE A 120 33.02 14.17 -5.58
N THR A 121 32.33 13.24 -4.92
CA THR A 121 31.16 12.58 -5.50
C THR A 121 30.10 13.57 -5.93
N PHE A 122 29.69 14.42 -4.99
CA PHE A 122 28.58 15.32 -5.26
C PHE A 122 28.94 16.60 -6.01
N SER A 123 30.16 17.11 -5.86
CA SER A 123 30.57 18.27 -6.65
C SER A 123 30.74 17.89 -8.11
N ARG A 124 30.92 16.61 -8.39
CA ARG A 124 31.03 16.19 -9.79
C ARG A 124 29.73 16.50 -10.54
N LEU A 125 28.65 16.69 -9.78
CA LEU A 125 27.33 16.90 -10.38
C LEU A 125 27.09 18.33 -10.85
N PHE A 126 27.74 19.30 -10.21
CA PHE A 126 27.43 20.71 -10.46
C PHE A 126 28.64 21.62 -10.63
N ASP A 127 29.83 21.12 -10.31
CA ASP A 127 31.02 21.97 -10.26
C ASP A 127 31.93 21.74 -11.46
N VAL A 128 32.03 22.75 -12.31
CA VAL A 128 32.77 22.63 -13.57
C VAL A 128 34.25 22.44 -13.35
N TYR A 129 34.70 22.69 -12.13
CA TYR A 129 36.11 22.54 -11.80
C TYR A 129 36.41 21.15 -11.30
N ASN A 130 35.38 20.37 -10.99
CA ASN A 130 35.60 18.99 -10.64
C ASN A 130 36.11 18.26 -11.89
N PRO A 131 37.23 17.51 -11.76
CA PRO A 131 37.89 16.93 -12.92
C PRO A 131 37.15 15.74 -13.54
N TYR A 132 36.01 15.39 -12.95
CA TYR A 132 35.17 14.36 -13.51
C TYR A 132 33.83 14.92 -13.96
N HIS A 133 33.59 16.20 -13.72
CA HIS A 133 32.34 16.82 -14.14
C HIS A 133 32.06 16.51 -15.62
N PHE A 134 33.09 16.56 -16.45
CA PHE A 134 32.89 16.34 -17.89
C PHE A 134 33.30 14.94 -18.35
N VAL A 135 33.60 14.05 -17.41
CA VAL A 135 34.05 12.70 -17.76
C VAL A 135 32.90 11.77 -18.10
N GLY A 136 33.14 10.88 -19.06
CA GLY A 136 32.17 9.86 -19.41
C GLY A 136 31.02 10.44 -20.21
N ASP A 137 29.80 10.09 -19.81
CA ASP A 137 28.59 10.61 -20.45
C ASP A 137 28.41 12.09 -20.14
N ALA A 138 29.08 12.57 -19.09
CA ALA A 138 29.01 13.98 -18.70
C ALA A 138 27.58 14.41 -18.41
N ASN A 139 26.71 13.44 -18.17
CA ASN A 139 25.26 13.66 -18.07
C ASN A 139 24.74 13.03 -16.79
N TYR A 140 23.99 13.79 -15.99
CA TYR A 140 23.53 13.31 -14.68
C TYR A 140 22.04 13.55 -14.60
N PRO A 141 21.26 12.72 -15.29
CA PRO A 141 19.85 13.03 -15.58
C PRO A 141 18.98 13.34 -14.38
N TYR A 142 19.08 12.59 -13.29
CA TYR A 142 18.16 12.86 -12.19
C TYR A 142 18.49 14.19 -11.54
N PHE A 143 19.77 14.38 -11.25
CA PHE A 143 20.20 15.56 -10.53
C PHE A 143 20.01 16.82 -11.36
N GLN A 144 20.35 16.74 -12.63
CA GLN A 144 20.16 17.90 -13.48
C GLN A 144 18.67 18.22 -13.64
N SER A 145 17.83 17.18 -13.71
N SER A 145 17.83 17.19 -13.72
CA SER A 145 16.39 17.35 -13.87
CA SER A 145 16.39 17.40 -13.89
C SER A 145 15.74 18.04 -12.68
C SER A 145 15.73 18.04 -12.67
N VAL A 146 16.32 17.85 -11.50
CA VAL A 146 15.82 18.52 -10.30
C VAL A 146 16.64 19.77 -9.97
N GLY A 147 17.40 20.24 -10.95
CA GLY A 147 18.19 21.46 -10.82
C GLY A 147 19.20 21.48 -9.67
N ILE A 148 20.12 20.53 -9.65
CA ILE A 148 21.15 20.48 -8.62
C ILE A 148 22.04 21.72 -8.66
N ASP A 149 22.32 22.20 -9.87
CA ASP A 149 23.17 23.37 -10.10
C ASP A 149 22.62 24.61 -9.39
N GLN A 150 21.31 24.70 -9.26
CA GLN A 150 20.70 25.84 -8.59
C GLN A 150 20.43 25.55 -7.13
N LEU A 151 20.82 24.36 -6.69
CA LEU A 151 20.53 23.97 -5.32
C LEU A 151 21.77 24.04 -4.45
N ILE A 152 22.81 23.31 -4.83
CA ILE A 152 24.03 23.27 -4.03
C ILE A 152 24.98 24.39 -4.39
N ARG A 153 25.24 25.26 -3.42
CA ARG A 153 26.15 26.39 -3.59
C ARG A 153 27.57 25.89 -3.43
N LYS A 154 27.83 25.17 -2.35
CA LYS A 154 29.11 24.48 -2.18
C LYS A 154 29.03 23.40 -1.10
N ILE A 155 30.10 22.62 -1.00
CA ILE A 155 30.20 21.57 0.00
C ILE A 155 31.48 21.75 0.79
N VAL A 156 31.35 22.11 2.07
CA VAL A 156 32.49 22.47 2.90
C VAL A 156 33.08 21.26 3.59
N ARG A 157 34.39 21.11 3.56
CA ARG A 157 35.03 20.06 4.38
C ARG A 157 35.31 20.61 5.76
N VAL A 158 34.38 20.41 6.68
N VAL A 158 34.36 20.39 6.66
CA VAL A 158 34.59 20.90 8.04
CA VAL A 158 34.50 20.85 8.03
C VAL A 158 35.66 20.07 8.75
C VAL A 158 35.60 20.06 8.72
N SER A 159 35.68 18.77 8.49
N SER A 159 35.64 18.75 8.47
CA SER A 159 36.70 17.89 9.04
CA SER A 159 36.69 17.90 9.02
C SER A 159 36.87 16.66 8.18
C SER A 159 36.86 16.64 8.18
N ASP A 160 37.77 15.77 8.60
CA ASP A 160 38.00 14.52 7.91
C ASP A 160 36.73 13.68 7.73
N HIS A 161 35.87 13.72 8.73
CA HIS A 161 34.71 12.86 8.75
C HIS A 161 33.45 13.68 8.90
N GLN A 162 33.49 14.91 8.41
CA GLN A 162 32.33 15.77 8.45
C GLN A 162 32.29 16.78 7.31
N VAL A 163 31.13 16.88 6.67
CA VAL A 163 30.97 17.80 5.54
C VAL A 163 29.68 18.60 5.69
N ARG A 164 29.72 19.84 5.23
CA ARG A 164 28.54 20.69 5.28
C ARG A 164 28.14 21.12 3.87
N PHE A 165 26.95 20.70 3.46
CA PHE A 165 26.36 21.15 2.21
C PHE A 165 25.76 22.52 2.38
N GLU A 166 26.17 23.48 1.55
CA GLU A 166 25.57 24.81 1.57
C GLU A 166 24.66 24.98 0.37
N LEU A 167 23.40 25.34 0.62
CA LEU A 167 22.41 25.48 -0.45
C LEU A 167 22.11 26.94 -0.73
N PHE A 168 21.65 27.23 -1.95
CA PHE A 168 21.19 28.56 -2.34
C PHE A 168 19.84 28.86 -1.73
N ASN A 169 19.00 27.84 -1.66
CA ASN A 169 17.69 27.95 -1.01
C ASN A 169 17.40 26.66 -0.26
N ALA A 170 16.58 26.77 0.78
CA ALA A 170 16.08 25.58 1.44
C ALA A 170 15.14 24.87 0.46
N GLU A 171 15.27 23.55 0.35
CA GLU A 171 14.33 22.76 -0.43
C GLU A 171 13.88 21.61 0.44
N SER A 172 12.58 21.44 0.62
CA SER A 172 12.12 20.44 1.57
C SER A 172 12.34 19.02 1.08
N SER A 173 12.80 18.86 -0.15
CA SER A 173 13.06 17.54 -0.73
C SER A 173 14.52 17.14 -0.68
N PHE A 174 15.37 18.03 -0.16
CA PHE A 174 16.81 17.78 -0.20
C PHE A 174 17.22 16.43 0.40
N LEU A 175 16.85 16.14 1.64
CA LEU A 175 17.30 14.88 2.24
C LEU A 175 16.76 13.67 1.46
N ALA A 176 15.56 13.80 0.90
CA ALA A 176 14.97 12.71 0.11
C ALA A 176 15.77 12.45 -1.16
N ASN A 177 16.23 13.53 -1.80
CA ASN A 177 17.12 13.40 -2.95
C ASN A 177 18.47 12.75 -2.58
N MET A 178 18.94 12.99 -1.37
CA MET A 178 20.17 12.36 -0.90
C MET A 178 19.98 10.89 -0.52
N ALA A 179 18.73 10.46 -0.42
CA ALA A 179 18.41 9.08 -0.09
C ALA A 179 18.09 8.27 -1.34
N THR A 180 18.12 8.93 -2.50
CA THR A 180 17.84 8.22 -3.75
C THR A 180 18.99 7.32 -4.08
N ASP A 181 18.71 6.31 -4.90
CA ASP A 181 19.72 5.34 -5.29
C ASP A 181 20.75 5.92 -6.25
N PHE A 182 20.50 7.15 -6.69
CA PHE A 182 21.44 7.88 -7.53
C PHE A 182 22.52 8.55 -6.69
N ALA A 183 22.25 8.68 -5.39
CA ALA A 183 23.14 9.45 -4.51
C ALA A 183 24.19 8.59 -3.82
N VAL A 184 24.78 7.64 -4.54
CA VAL A 184 25.79 6.78 -3.94
C VAL A 184 27.10 7.53 -3.79
N VAL A 185 28.00 7.00 -2.94
CA VAL A 185 29.30 7.61 -2.77
C VAL A 185 30.36 6.90 -3.62
N LEU A 186 31.15 7.68 -4.34
CA LEU A 186 32.20 7.12 -5.20
C LEU A 186 33.58 7.33 -4.58
N SER A 187 34.60 6.72 -5.16
CA SER A 187 35.93 6.76 -4.57
C SER A 187 36.78 7.84 -5.22
N LYS A 188 37.19 8.83 -4.44
CA LYS A 188 38.06 9.87 -4.96
C LYS A 188 39.45 9.31 -5.26
N GLU A 189 39.96 8.43 -4.39
CA GLU A 189 41.30 7.88 -4.59
C GLU A 189 41.38 7.17 -5.93
N TYR A 190 40.37 6.38 -6.24
CA TYR A 190 40.26 5.70 -7.53
C TYR A 190 40.20 6.68 -8.68
N ALA A 191 39.32 7.67 -8.56
CA ALA A 191 39.20 8.69 -9.59
C ALA A 191 40.56 9.34 -9.89
N MET A 192 41.27 9.76 -8.85
CA MET A 192 42.51 10.51 -9.01
C MET A 192 43.64 9.64 -9.55
N ALA A 193 43.61 8.37 -9.19
CA ALA A 193 44.56 7.39 -9.69
C ALA A 193 44.39 7.19 -11.20
N LEU A 194 43.15 7.12 -11.66
CA LEU A 194 42.86 7.02 -13.10
C LEU A 194 43.25 8.30 -13.86
N LYS A 195 43.05 9.44 -13.22
CA LYS A 195 43.31 10.74 -13.81
C LYS A 195 44.80 10.89 -14.12
N ALA A 196 45.62 10.34 -13.24
CA ALA A 196 47.08 10.41 -13.35
C ALA A 196 47.60 9.54 -14.49
N ASN A 197 46.78 8.59 -14.93
CA ASN A 197 47.12 7.75 -16.08
C ASN A 197 46.31 8.14 -17.30
N ASN A 198 45.48 9.17 -17.15
CA ASN A 198 44.59 9.60 -18.22
C ASN A 198 43.58 8.52 -18.61
N GLN A 199 43.17 7.74 -17.63
CA GLN A 199 42.19 6.68 -17.84
C GLN A 199 40.85 7.00 -17.17
N GLU A 200 40.49 8.28 -17.11
CA GLU A 200 39.26 8.68 -16.44
C GLU A 200 38.04 7.94 -16.99
N ASN A 201 38.10 7.57 -18.26
CA ASN A 201 36.97 6.89 -18.90
C ASN A 201 36.69 5.51 -18.34
N LEU A 202 37.62 4.96 -17.57
CA LEU A 202 37.39 3.65 -16.98
C LEU A 202 36.58 3.78 -15.70
N PHE A 203 36.49 5.01 -15.18
CA PHE A 203 35.97 5.24 -13.84
C PHE A 203 34.53 4.77 -13.65
N ASP A 204 33.67 5.05 -14.63
CA ASP A 204 32.25 4.71 -14.52
C ASP A 204 31.98 3.33 -15.13
N GLN A 205 33.01 2.75 -15.72
CA GLN A 205 32.91 1.45 -16.38
C GLN A 205 33.37 0.34 -15.45
N TYR A 206 34.48 0.60 -14.75
CA TYR A 206 35.05 -0.38 -13.83
C TYR A 206 34.99 0.21 -12.44
N PRO A 207 33.90 -0.07 -11.72
CA PRO A 207 33.51 0.69 -10.53
C PRO A 207 34.23 0.24 -9.27
N VAL A 208 34.30 1.18 -8.34
CA VAL A 208 34.78 0.90 -7.00
C VAL A 208 33.78 1.55 -6.05
N GLY A 209 33.28 0.77 -5.10
CA GLY A 209 32.30 1.29 -4.16
C GLY A 209 32.59 0.81 -2.76
N THR A 210 31.65 1.06 -1.85
CA THR A 210 31.76 0.56 -0.48
C THR A 210 30.75 -0.58 -0.26
N GLY A 211 30.09 -1.00 -1.34
CA GLY A 211 28.93 -1.88 -1.21
C GLY A 211 29.19 -3.33 -0.89
N PRO A 212 28.11 -4.09 -0.67
CA PRO A 212 28.25 -5.49 -0.25
C PRO A 212 28.86 -6.41 -1.32
N TYR A 213 28.85 -5.99 -2.58
CA TYR A 213 29.45 -6.81 -3.64
C TYR A 213 30.43 -6.02 -4.51
N ILE A 214 31.31 -6.75 -5.18
CA ILE A 214 32.41 -6.17 -5.95
C ILE A 214 32.31 -6.61 -7.43
N TYR A 215 32.68 -5.70 -8.33
CA TYR A 215 32.66 -5.96 -9.76
C TYR A 215 33.71 -6.98 -10.17
N LYS A 216 33.29 -7.97 -10.97
CA LYS A 216 34.19 -8.98 -11.54
C LYS A 216 34.27 -8.87 -13.05
N GLU A 217 33.11 -8.95 -13.70
CA GLU A 217 33.05 -8.97 -15.15
C GLU A 217 31.70 -8.50 -15.69
N TYR A 218 31.73 -7.90 -16.87
CA TYR A 218 30.52 -7.54 -17.58
C TYR A 218 30.66 -7.91 -19.04
N ARG A 219 29.72 -8.68 -19.54
CA ARG A 219 29.69 -9.04 -20.95
C ARG A 219 28.38 -8.56 -21.55
N ARG A 220 28.47 -7.51 -22.36
CA ARG A 220 27.30 -6.86 -22.92
C ARG A 220 26.38 -7.85 -23.62
N ASP A 221 25.11 -7.78 -23.26
CA ASP A 221 24.06 -8.67 -23.77
C ASP A 221 24.15 -10.09 -23.22
N HIS A 222 25.04 -10.31 -22.26
CA HIS A 222 25.19 -11.66 -21.73
C HIS A 222 24.98 -11.69 -20.23
N LEU A 223 25.95 -11.18 -19.49
CA LEU A 223 25.86 -11.21 -18.05
C LEU A 223 26.72 -10.17 -17.34
N VAL A 224 26.42 -9.94 -16.08
CA VAL A 224 27.37 -9.23 -15.24
C VAL A 224 27.60 -10.08 -14.02
N ARG A 225 28.82 -10.04 -13.52
CA ARG A 225 29.25 -10.91 -12.42
C ARG A 225 29.83 -10.08 -11.29
N PHE A 226 29.26 -10.25 -10.10
CA PHE A 226 29.76 -9.61 -8.87
C PHE A 226 30.16 -10.72 -7.92
N TYR A 227 31.07 -10.42 -6.98
CA TYR A 227 31.32 -11.35 -5.88
C TYR A 227 31.22 -10.64 -4.52
N LYS A 228 31.11 -11.41 -3.44
CA LYS A 228 30.92 -10.80 -2.13
C LYS A 228 32.09 -9.90 -1.74
N ASN A 229 31.77 -8.84 -1.02
CA ASN A 229 32.77 -7.94 -0.48
C ASN A 229 33.06 -8.44 0.93
N ALA A 230 34.24 -9.02 1.11
CA ALA A 230 34.59 -9.66 2.37
C ALA A 230 34.79 -8.64 3.48
N ASP A 231 34.92 -7.38 3.11
CA ASP A 231 35.16 -6.31 4.07
C ASP A 231 33.99 -5.36 4.21
N TYR A 232 32.79 -5.82 3.85
CA TYR A 232 31.64 -4.93 3.91
C TYR A 232 31.44 -4.42 5.32
N TRP A 233 31.31 -3.12 5.47
CA TRP A 233 31.26 -2.50 6.78
C TRP A 233 30.00 -2.83 7.57
N LYS A 234 28.88 -2.97 6.88
CA LYS A 234 27.57 -3.02 7.55
C LYS A 234 27.28 -4.38 8.19
N HIS A 235 27.58 -5.45 7.46
CA HIS A 235 27.32 -6.80 7.94
C HIS A 235 28.06 -7.81 7.06
N GLU A 236 28.15 -9.05 7.51
CA GLU A 236 28.74 -10.09 6.70
C GLU A 236 27.83 -10.36 5.51
N VAL A 237 28.42 -10.53 4.33
CA VAL A 237 27.64 -10.79 3.13
C VAL A 237 27.48 -12.28 2.88
N ALA A 238 26.23 -12.72 2.71
CA ALA A 238 25.92 -14.14 2.63
C ALA A 238 26.39 -14.75 1.31
N LEU A 239 25.94 -14.19 0.20
CA LEU A 239 26.23 -14.76 -1.11
C LEU A 239 27.67 -14.51 -1.53
N GLU A 240 28.28 -15.53 -2.10
CA GLU A 240 29.65 -15.46 -2.60
C GLU A 240 29.68 -14.86 -3.99
N GLN A 241 28.64 -15.16 -4.77
CA GLN A 241 28.62 -14.75 -6.16
C GLN A 241 27.23 -14.35 -6.64
N LEU A 242 27.17 -13.21 -7.33
CA LEU A 242 25.95 -12.72 -7.94
C LEU A 242 26.14 -12.70 -9.45
N VAL A 243 25.26 -13.37 -10.19
CA VAL A 243 25.29 -13.29 -11.64
C VAL A 243 23.99 -12.76 -12.20
N TYR A 244 24.07 -11.71 -13.01
CA TYR A 244 22.89 -11.17 -13.69
C TYR A 244 22.86 -11.67 -15.12
N ASP A 245 21.89 -12.51 -15.41
CA ASP A 245 21.70 -13.03 -16.76
C ASP A 245 20.82 -12.08 -17.55
N ILE A 246 21.41 -11.44 -18.56
CA ILE A 246 20.72 -10.43 -19.34
C ILE A 246 19.83 -11.10 -20.37
N THR A 247 18.52 -11.02 -20.15
CA THR A 247 17.54 -11.74 -20.95
C THR A 247 16.34 -10.82 -21.17
N PRO A 248 16.36 -10.01 -22.24
CA PRO A 248 15.31 -9.02 -22.48
C PRO A 248 13.94 -9.65 -22.73
N ASN A 249 13.90 -10.82 -23.36
CA ASN A 249 12.64 -11.53 -23.67
C ASN A 249 11.94 -12.06 -22.41
N GLY A 250 10.79 -11.48 -22.08
CA GLY A 250 10.08 -11.85 -20.87
C GLY A 250 9.63 -13.31 -20.82
N THR A 251 9.29 -13.86 -21.97
CA THR A 251 8.91 -15.26 -22.05
C THR A 251 10.07 -16.13 -21.60
N THR A 252 11.26 -15.79 -22.08
CA THR A 252 12.47 -16.54 -21.75
C THR A 252 12.79 -16.43 -20.25
N ARG A 253 12.50 -15.27 -19.65
CA ARG A 253 12.80 -15.13 -18.23
C ARG A 253 11.91 -16.07 -17.41
N ILE A 254 10.64 -16.17 -17.77
CA ILE A 254 9.75 -17.10 -17.09
C ILE A 254 10.20 -18.54 -17.32
N ALA A 255 10.53 -18.84 -18.57
CA ALA A 255 10.97 -20.18 -18.93
C ALA A 255 12.21 -20.53 -18.13
N LYS A 256 13.09 -19.56 -17.94
CA LYS A 256 14.33 -19.81 -17.22
C LYS A 256 14.11 -20.09 -15.75
N ILE A 257 13.23 -19.34 -15.10
CA ILE A 257 12.98 -19.61 -13.69
C ILE A 257 12.30 -20.97 -13.51
N LEU A 258 11.41 -21.34 -14.42
CA LEU A 258 10.77 -22.66 -14.36
C LEU A 258 11.77 -23.81 -14.42
N THR A 259 12.84 -23.62 -15.19
CA THR A 259 13.84 -24.65 -15.39
C THR A 259 15.02 -24.53 -14.43
N LYS A 260 14.92 -23.55 -13.53
CA LYS A 260 15.95 -23.31 -12.51
C LYS A 260 17.27 -22.82 -13.10
N GLU A 261 17.20 -22.24 -14.30
CA GLU A 261 18.36 -21.59 -14.88
C GLU A 261 18.59 -20.26 -14.19
N CYS A 262 17.52 -19.63 -13.73
CA CYS A 262 17.64 -18.41 -12.93
C CYS A 262 17.03 -18.68 -11.56
N ASP A 263 17.50 -17.96 -10.55
CA ASP A 263 16.96 -18.10 -9.20
C ASP A 263 15.96 -17.00 -8.88
N VAL A 264 16.12 -15.85 -9.54
CA VAL A 264 15.19 -14.74 -9.38
C VAL A 264 14.92 -14.20 -10.77
N THR A 265 13.66 -13.90 -11.08
CA THR A 265 13.33 -13.25 -12.33
C THR A 265 12.73 -11.87 -12.10
N ALA A 266 13.24 -10.90 -12.83
CA ALA A 266 12.79 -9.52 -12.74
C ALA A 266 11.60 -9.26 -13.64
N HIS A 267 10.67 -8.44 -13.17
CA HIS A 267 9.54 -7.98 -13.97
C HIS A 267 8.82 -9.12 -14.70
N PRO A 268 8.40 -10.15 -13.95
CA PRO A 268 7.64 -11.27 -14.54
C PRO A 268 6.38 -10.77 -15.23
N SER A 269 6.11 -11.29 -16.43
N SER A 269 6.12 -11.29 -16.42
CA SER A 269 4.92 -10.93 -17.17
CA SER A 269 4.91 -10.93 -17.15
C SER A 269 3.67 -11.15 -16.34
C SER A 269 3.71 -11.09 -16.23
N SER A 270 2.77 -10.17 -16.36
CA SER A 270 1.56 -10.23 -15.55
C SER A 270 0.69 -11.41 -15.97
N ALA A 271 0.68 -11.69 -17.28
CA ALA A 271 -0.11 -12.79 -17.82
C ALA A 271 0.31 -14.15 -17.26
N GLN A 272 1.54 -14.23 -16.74
CA GLN A 272 2.05 -15.51 -16.25
C GLN A 272 2.17 -15.62 -14.74
N LEU A 273 1.58 -14.65 -14.03
CA LEU A 273 1.69 -14.61 -12.58
C LEU A 273 0.97 -15.76 -11.93
N SER A 274 -0.20 -16.12 -12.47
CA SER A 274 -1.01 -17.18 -11.92
C SER A 274 -0.28 -18.51 -12.05
N ILE A 275 0.31 -18.71 -13.22
CA ILE A 275 1.09 -19.91 -13.51
C ILE A 275 2.23 -20.11 -12.50
N LEU A 276 2.95 -19.03 -12.21
CA LEU A 276 4.05 -19.08 -11.24
C LEU A 276 3.55 -19.37 -9.83
N ALA A 277 2.51 -18.64 -9.42
CA ALA A 277 1.92 -18.79 -8.10
C ALA A 277 1.59 -20.25 -7.80
N GLN A 278 1.18 -20.98 -8.84
CA GLN A 278 0.83 -22.39 -8.71
C GLN A 278 2.02 -23.29 -8.38
N ARG A 279 3.19 -23.02 -8.97
CA ARG A 279 4.38 -23.82 -8.66
C ARG A 279 4.74 -23.69 -7.18
N ASP A 280 5.00 -24.82 -6.52
CA ASP A 280 5.27 -24.80 -5.09
C ASP A 280 6.68 -24.35 -4.73
N ASP A 281 7.61 -24.50 -5.67
CA ASP A 281 8.99 -24.11 -5.44
C ASP A 281 9.32 -22.71 -5.98
N ILE A 282 8.28 -21.92 -6.23
CA ILE A 282 8.44 -20.54 -6.69
C ILE A 282 7.62 -19.58 -5.83
N ASN A 283 8.27 -18.55 -5.32
CA ASN A 283 7.55 -17.51 -4.60
C ASN A 283 7.34 -16.32 -5.50
N VAL A 284 6.13 -15.80 -5.50
CA VAL A 284 5.87 -14.55 -6.18
C VAL A 284 5.63 -13.52 -5.11
N GLU A 285 6.63 -12.66 -4.91
CA GLU A 285 6.55 -11.61 -3.90
C GLU A 285 5.90 -10.40 -4.53
N ARG A 286 5.34 -9.54 -3.69
CA ARG A 286 4.61 -8.38 -4.20
C ARG A 286 4.56 -7.28 -3.14
N GLU A 287 4.58 -6.03 -3.60
CA GLU A 287 4.48 -4.88 -2.71
C GLU A 287 3.70 -3.80 -3.43
N THR A 288 2.75 -3.19 -2.74
CA THR A 288 2.13 -1.97 -3.22
C THR A 288 3.26 -0.97 -3.43
N ASN A 289 3.19 -0.21 -4.51
CA ASN A 289 4.34 0.60 -4.94
C ASN A 289 3.93 1.95 -5.50
N LEU A 290 4.76 2.96 -5.26
CA LEU A 290 4.55 4.31 -5.78
C LEU A 290 5.05 4.40 -7.22
N ASN A 291 4.15 4.28 -8.19
CA ASN A 291 4.53 4.41 -9.60
C ASN A 291 3.36 4.94 -10.39
N ILE A 292 3.61 5.36 -11.63
CA ILE A 292 2.53 5.76 -12.54
C ILE A 292 2.92 5.33 -13.95
N GLY A 293 1.95 4.86 -14.71
CA GLY A 293 2.15 4.54 -16.11
C GLY A 293 1.28 5.51 -16.89
N TYR A 294 1.79 6.07 -17.97
CA TYR A 294 1.08 7.14 -18.65
C TYR A 294 1.25 7.12 -20.15
N TRP A 295 0.46 7.95 -20.81
CA TRP A 295 0.59 8.19 -22.23
C TRP A 295 0.94 9.67 -22.41
N ALA A 296 2.18 9.94 -22.80
CA ALA A 296 2.65 11.30 -23.00
C ALA A 296 2.69 11.70 -24.46
N PHE A 297 2.26 12.93 -24.73
CA PHE A 297 2.28 13.51 -26.07
C PHE A 297 3.48 14.42 -26.21
N ASN A 298 4.10 14.40 -27.38
CA ASN A 298 5.14 15.37 -27.71
C ASN A 298 4.43 16.69 -27.99
N THR A 299 4.35 17.55 -26.99
CA THR A 299 3.54 18.76 -27.09
C THR A 299 4.20 19.83 -27.93
N GLU A 300 5.34 19.49 -28.52
CA GLU A 300 6.04 20.41 -29.41
C GLU A 300 5.88 19.98 -30.85
N ARG A 301 5.04 18.97 -31.06
CA ARG A 301 4.82 18.41 -32.40
C ARG A 301 3.36 18.50 -32.77
N PRO A 302 3.04 19.19 -33.87
CA PRO A 302 1.67 19.25 -34.38
C PRO A 302 1.24 17.88 -34.86
N PRO A 303 -0.03 17.51 -34.62
CA PRO A 303 -1.08 18.34 -34.00
C PRO A 303 -1.14 18.23 -32.48
N PHE A 304 -0.13 17.63 -31.84
CA PHE A 304 -0.21 17.30 -30.42
C PHE A 304 0.16 18.47 -29.53
N ASP A 305 0.54 19.58 -30.17
CA ASP A 305 0.75 20.84 -29.47
C ASP A 305 -0.59 21.53 -29.24
N ASN A 306 -1.66 20.86 -29.64
CA ASN A 306 -3.01 21.41 -29.54
C ASN A 306 -3.84 20.70 -28.50
N LEU A 307 -4.22 21.42 -27.46
CA LEU A 307 -4.93 20.83 -26.33
C LEU A 307 -6.19 20.07 -26.77
N LYS A 308 -7.01 20.68 -27.61
CA LYS A 308 -8.21 20.01 -28.10
C LYS A 308 -7.89 18.64 -28.70
N VAL A 309 -6.78 18.54 -29.41
CA VAL A 309 -6.40 17.24 -29.99
C VAL A 309 -6.03 16.26 -28.88
N ARG A 310 -5.25 16.72 -27.91
CA ARG A 310 -4.88 15.87 -26.78
C ARG A 310 -6.12 15.44 -25.99
N GLN A 311 -7.01 16.39 -25.73
CA GLN A 311 -8.26 16.09 -25.03
C GLN A 311 -9.12 15.12 -25.83
N ALA A 312 -9.16 15.30 -27.14
CA ALA A 312 -9.92 14.41 -27.99
C ALA A 312 -9.41 12.98 -27.92
N LEU A 313 -8.09 12.81 -27.99
CA LEU A 313 -7.49 11.47 -28.13
C LEU A 313 -7.60 10.61 -26.87
N VAL A 314 -7.52 11.24 -25.69
CA VAL A 314 -7.66 10.49 -24.46
C VAL A 314 -9.06 9.90 -24.27
N HIS A 315 -10.08 10.56 -24.83
CA HIS A 315 -11.47 10.11 -24.69
C HIS A 315 -11.77 8.86 -25.50
N ALA A 316 -10.90 8.53 -26.44
CA ALA A 316 -11.12 7.41 -27.35
C ALA A 316 -10.50 6.10 -26.86
N ILE A 317 -9.78 6.17 -25.76
CA ILE A 317 -9.07 5.01 -25.22
C ILE A 317 -9.94 4.24 -24.22
N ASP A 318 -10.16 2.97 -24.51
CA ASP A 318 -10.91 2.11 -23.60
C ASP A 318 -9.97 1.66 -22.48
N ILE A 319 -9.98 2.40 -21.38
CA ILE A 319 -9.08 2.13 -20.24
C ILE A 319 -9.43 0.83 -19.50
N GLU A 320 -10.72 0.61 -19.26
CA GLU A 320 -11.15 -0.63 -18.63
C GLU A 320 -10.60 -1.85 -19.34
N LYS A 321 -10.74 -1.86 -20.67
CA LYS A 321 -10.19 -2.95 -21.47
C LYS A 321 -8.71 -3.13 -21.15
N ILE A 322 -7.96 -2.04 -21.11
CA ILE A 322 -6.53 -2.10 -20.77
C ILE A 322 -6.28 -2.70 -19.38
N MET A 323 -7.08 -2.30 -18.40
CA MET A 323 -6.86 -2.80 -17.04
C MET A 323 -6.95 -4.32 -16.99
N GLN A 324 -7.80 -4.89 -17.83
CA GLN A 324 -7.98 -6.32 -17.82
C GLN A 324 -7.02 -7.03 -18.75
N ALA A 325 -6.84 -6.50 -19.95
CA ALA A 325 -6.04 -7.18 -20.97
C ALA A 325 -4.53 -7.00 -20.78
N VAL A 326 -4.14 -5.92 -20.12
CA VAL A 326 -2.72 -5.65 -19.89
C VAL A 326 -2.34 -5.96 -18.45
N TYR A 327 -3.02 -5.32 -17.51
CA TYR A 327 -2.70 -5.50 -16.10
C TYR A 327 -3.31 -6.77 -15.52
N TYR A 328 -4.24 -7.38 -16.25
CA TYR A 328 -4.87 -8.62 -15.78
C TYR A 328 -5.48 -8.44 -14.39
N GLY A 329 -6.15 -7.32 -14.18
CA GLY A 329 -6.83 -7.06 -12.92
C GLY A 329 -5.91 -6.72 -11.76
N ASN A 330 -4.60 -6.77 -11.99
CA ASN A 330 -3.63 -6.50 -10.94
C ASN A 330 -3.29 -5.01 -10.84
N GLY A 331 -3.74 -4.23 -11.83
CA GLY A 331 -3.43 -2.82 -11.87
C GLY A 331 -4.45 -1.98 -11.13
N LEU A 332 -4.10 -0.73 -10.86
CA LEU A 332 -4.99 0.22 -10.20
C LEU A 332 -5.21 1.40 -11.14
N ARG A 333 -6.43 1.60 -11.62
CA ARG A 333 -6.69 2.70 -12.53
C ARG A 333 -6.39 4.04 -11.87
N ALA A 334 -5.66 4.90 -12.57
CA ALA A 334 -5.24 6.19 -12.05
C ALA A 334 -6.41 7.15 -11.93
N ARG A 335 -6.36 8.01 -10.91
CA ARG A 335 -7.33 9.10 -10.79
C ARG A 335 -6.56 10.40 -10.74
N SER A 336 -5.26 10.29 -11.02
CA SER A 336 -4.31 11.40 -10.89
C SER A 336 -2.94 10.84 -11.31
N ILE A 337 -1.97 11.69 -11.59
CA ILE A 337 -0.61 11.20 -11.80
C ILE A 337 -0.15 10.49 -10.54
N LEU A 338 -0.65 10.94 -9.39
CA LEU A 338 -0.22 10.37 -8.11
C LEU A 338 -1.09 9.19 -7.72
N PRO A 339 -0.45 8.13 -7.17
CA PRO A 339 -1.15 6.97 -6.63
C PRO A 339 -1.75 7.27 -5.27
N PRO A 340 -2.80 6.51 -4.90
CA PRO A 340 -3.56 6.82 -3.68
C PRO A 340 -2.78 6.68 -2.38
N THR A 341 -1.65 5.99 -2.41
CA THR A 341 -0.85 5.85 -1.19
C THR A 341 0.21 6.94 -1.04
N SER A 342 0.21 7.89 -1.97
CA SER A 342 1.01 9.09 -1.84
C SER A 342 0.28 10.09 -0.96
N TRP A 343 0.99 10.67 0.00
CA TRP A 343 0.36 11.64 0.88
C TRP A 343 -0.15 12.89 0.19
N ALA A 344 0.30 13.14 -1.03
CA ALA A 344 -0.15 14.32 -1.77
C ALA A 344 -1.24 14.00 -2.78
N PHE A 345 -1.64 12.74 -2.83
CA PHE A 345 -2.63 12.27 -3.79
C PHE A 345 -3.95 13.05 -3.72
N GLU A 346 -4.45 13.48 -4.88
CA GLU A 346 -5.79 14.04 -4.99
C GLU A 346 -6.44 13.58 -6.28
N PRO A 347 -7.55 12.84 -6.18
CA PRO A 347 -8.25 12.36 -7.37
C PRO A 347 -8.85 13.54 -8.13
N GLN A 348 -8.71 13.55 -9.45
CA GLN A 348 -9.17 14.68 -10.25
C GLN A 348 -10.57 14.52 -10.84
N LYS A 349 -11.38 15.55 -10.65
N LYS A 349 -11.41 15.53 -10.65
CA LYS A 349 -12.76 15.59 -11.12
CA LYS A 349 -12.78 15.47 -11.16
C LYS A 349 -12.86 15.48 -12.64
C LYS A 349 -12.83 15.41 -12.68
N ASN A 350 -11.86 16.03 -13.34
CA ASN A 350 -11.89 16.12 -14.80
C ASN A 350 -11.19 15.02 -15.56
N MET A 351 -10.87 13.91 -14.90
CA MET A 351 -10.34 12.77 -15.62
C MET A 351 -11.30 12.50 -16.77
N PRO A 352 -10.76 12.38 -17.99
CA PRO A 352 -11.54 12.10 -19.20
C PRO A 352 -12.34 10.80 -19.08
N ILE A 353 -13.60 10.79 -19.52
CA ILE A 353 -14.34 9.54 -19.57
C ILE A 353 -14.16 8.92 -20.95
N PHE A 354 -14.15 7.60 -21.00
CA PHE A 354 -14.10 6.89 -22.27
C PHE A 354 -15.38 7.11 -23.07
N ASP A 355 -15.28 7.79 -24.21
CA ASP A 355 -16.44 8.16 -25.00
C ASP A 355 -16.02 8.49 -26.42
N PRO A 356 -16.01 7.48 -27.31
CA PRO A 356 -15.54 7.64 -28.69
C PRO A 356 -16.38 8.63 -29.48
N GLN A 357 -17.66 8.69 -29.17
CA GLN A 357 -18.55 9.62 -29.84
C GLN A 357 -18.07 11.03 -29.58
N LEU A 358 -17.70 11.32 -28.33
CA LEU A 358 -17.22 12.64 -27.94
C LEU A 358 -15.87 12.92 -28.61
N ALA A 359 -15.00 11.91 -28.60
CA ALA A 359 -13.69 12.02 -29.22
C ALA A 359 -13.79 12.50 -30.66
N LYS A 360 -14.63 11.83 -31.44
CA LYS A 360 -14.82 12.20 -32.83
C LYS A 360 -15.33 13.64 -32.96
N LYS A 361 -16.23 14.04 -32.07
CA LYS A 361 -16.80 15.37 -32.08
C LYS A 361 -15.75 16.43 -31.70
N LEU A 362 -14.90 16.10 -30.73
CA LEU A 362 -13.83 17.00 -30.35
C LEU A 362 -12.74 17.09 -31.42
N LEU A 363 -12.44 15.97 -32.05
CA LEU A 363 -11.50 15.98 -33.17
C LEU A 363 -12.01 16.91 -34.26
N THR A 364 -13.28 16.73 -34.63
CA THR A 364 -13.89 17.57 -35.65
C THR A 364 -13.81 19.04 -35.24
N GLU A 365 -14.25 19.35 -34.03
CA GLU A 365 -14.23 20.73 -33.56
C GLU A 365 -12.83 21.32 -33.60
N ALA A 366 -11.82 20.48 -33.37
CA ALA A 366 -10.45 20.96 -33.33
C ALA A 366 -9.91 21.24 -34.72
N GLY A 367 -10.60 20.74 -35.74
CA GLY A 367 -10.19 20.97 -37.12
C GLY A 367 -9.50 19.79 -37.77
N TYR A 368 -9.71 18.60 -37.21
CA TYR A 368 -9.09 17.38 -37.71
C TYR A 368 -10.12 16.26 -37.89
N GLU A 369 -11.29 16.64 -38.42
CA GLU A 369 -12.39 15.71 -38.65
C GLU A 369 -12.00 14.35 -39.21
N LYS A 370 -11.11 14.33 -40.20
CA LYS A 370 -10.74 13.09 -40.88
C LYS A 370 -9.56 12.38 -40.24
N GLY A 371 -9.17 12.82 -39.06
CA GLY A 371 -8.08 12.20 -38.33
C GLY A 371 -6.70 12.39 -38.95
N PHE A 372 -5.79 11.48 -38.63
CA PHE A 372 -4.40 11.60 -39.06
C PHE A 372 -3.61 10.35 -38.69
N ASP A 373 -2.36 10.28 -39.14
CA ASP A 373 -1.46 9.23 -38.68
C ASP A 373 -0.69 9.73 -37.47
N MET A 374 -0.35 8.83 -36.57
CA MET A 374 0.51 9.19 -35.45
C MET A 374 1.24 7.95 -34.97
N SER A 375 2.36 8.15 -34.30
CA SER A 375 3.09 7.04 -33.71
C SER A 375 2.82 6.94 -32.21
N ILE A 376 2.78 5.72 -31.70
CA ILE A 376 2.81 5.50 -30.26
C ILE A 376 4.02 4.65 -29.99
N TRP A 377 4.96 5.20 -29.24
CA TRP A 377 6.16 4.46 -28.88
C TRP A 377 5.88 3.57 -27.67
N ALA A 378 6.27 2.31 -27.79
CA ALA A 378 5.95 1.31 -26.78
C ALA A 378 7.22 0.64 -26.28
N MET A 379 7.34 0.58 -24.96
CA MET A 379 8.46 -0.10 -24.32
C MET A 379 8.45 -1.58 -24.64
N PRO A 380 9.65 -2.13 -24.88
CA PRO A 380 9.83 -3.52 -25.27
C PRO A 380 9.91 -4.49 -24.08
N VAL A 381 9.88 -3.98 -22.86
CA VAL A 381 10.01 -4.81 -21.67
C VAL A 381 8.93 -4.49 -20.64
N SER A 382 8.71 -5.42 -19.71
N SER A 382 8.69 -5.43 -19.71
CA SER A 382 7.74 -5.19 -18.63
CA SER A 382 7.75 -5.19 -18.63
C SER A 382 8.32 -4.24 -17.59
C SER A 382 8.34 -4.19 -17.63
N ARG A 383 7.50 -3.28 -17.16
CA ARG A 383 7.88 -2.34 -16.10
C ARG A 383 6.82 -2.41 -15.01
N ILE A 384 7.15 -1.96 -13.81
CA ILE A 384 6.22 -2.00 -12.70
C ILE A 384 4.92 -1.33 -13.10
N TYR A 385 5.04 -0.23 -13.83
CA TYR A 385 3.91 0.63 -14.15
C TYR A 385 3.23 0.28 -15.47
N ASN A 386 3.80 -0.67 -16.21
CA ASN A 386 3.23 -1.12 -17.47
C ASN A 386 3.83 -2.46 -17.87
N PRO A 387 3.11 -3.55 -17.62
CA PRO A 387 3.63 -4.90 -17.84
C PRO A 387 3.77 -5.24 -19.32
N ASN A 388 3.09 -4.50 -20.18
CA ASN A 388 3.07 -4.83 -21.61
C ASN A 388 2.65 -3.64 -22.45
N ALA A 389 3.56 -2.73 -22.70
CA ALA A 389 3.24 -1.56 -23.53
C ALA A 389 2.89 -1.96 -24.95
N ARG A 390 3.49 -3.05 -25.42
CA ARG A 390 3.20 -3.56 -26.76
C ARG A 390 1.69 -3.80 -26.88
N LYS A 391 1.15 -4.60 -25.97
CA LYS A 391 -0.27 -4.94 -26.04
C LYS A 391 -1.11 -3.69 -25.80
N MET A 392 -0.68 -2.87 -24.85
CA MET A 392 -1.38 -1.63 -24.60
C MET A 392 -1.52 -0.82 -25.89
N ALA A 393 -0.41 -0.69 -26.62
CA ALA A 393 -0.40 0.07 -27.87
C ALA A 393 -1.30 -0.54 -28.94
N GLU A 394 -1.36 -1.85 -29.01
CA GLU A 394 -2.20 -2.53 -30.00
C GLU A 394 -3.66 -2.30 -29.67
N LEU A 395 -3.97 -2.27 -28.38
CA LEU A 395 -5.32 -1.95 -27.93
C LEU A 395 -5.70 -0.52 -28.30
N MET A 396 -4.83 0.43 -27.98
CA MET A 396 -5.10 1.82 -28.28
C MET A 396 -5.15 2.07 -29.80
N GLN A 397 -4.34 1.31 -30.55
CA GLN A 397 -4.31 1.44 -32.00
C GLN A 397 -5.70 1.12 -32.52
N SER A 398 -6.25 0.04 -32.01
CA SER A 398 -7.59 -0.40 -32.38
C SER A 398 -8.66 0.60 -31.99
N ASP A 399 -8.52 1.16 -30.78
CA ASP A 399 -9.45 2.17 -30.30
C ASP A 399 -9.43 3.41 -31.22
N LEU A 400 -8.23 3.87 -31.55
CA LEU A 400 -8.05 5.11 -32.30
C LEU A 400 -8.43 4.99 -33.76
N ARG A 401 -8.28 3.81 -34.33
CA ARG A 401 -8.70 3.60 -35.71
C ARG A 401 -10.17 3.95 -35.87
N LYS A 402 -10.92 3.85 -34.79
CA LYS A 402 -12.37 4.08 -34.81
C LYS A 402 -12.76 5.56 -34.89
N ILE A 403 -11.82 6.45 -34.59
CA ILE A 403 -12.08 7.87 -34.79
C ILE A 403 -11.20 8.43 -35.90
N GLY A 404 -10.70 7.56 -36.76
CA GLY A 404 -9.92 7.97 -37.92
C GLY A 404 -8.45 8.24 -37.68
N VAL A 405 -7.96 7.90 -36.49
CA VAL A 405 -6.56 8.07 -36.13
C VAL A 405 -5.72 6.80 -36.35
N ASN A 406 -4.81 6.87 -37.32
CA ASN A 406 -4.06 5.73 -37.79
C ASN A 406 -2.71 5.61 -37.08
N VAL A 407 -2.64 4.70 -36.12
CA VAL A 407 -1.45 4.55 -35.28
C VAL A 407 -0.44 3.55 -35.84
N ASN A 408 0.83 3.92 -35.86
CA ASN A 408 1.90 2.96 -36.02
C ASN A 408 2.68 2.84 -34.71
N ILE A 409 2.95 1.62 -34.29
CA ILE A 409 3.63 1.36 -33.04
C ILE A 409 5.14 1.30 -33.28
N VAL A 410 5.89 2.10 -32.53
CA VAL A 410 7.35 2.10 -32.62
C VAL A 410 7.99 1.52 -31.36
N GLU A 411 8.93 0.59 -31.55
CA GLU A 411 9.62 -0.11 -30.48
C GLU A 411 11.12 -0.27 -30.77
N TYR A 412 11.96 -0.14 -29.74
CA TYR A 412 13.38 -0.47 -29.87
C TYR A 412 13.86 -1.23 -28.63
N GLU A 413 15.06 -1.78 -28.70
CA GLU A 413 15.71 -2.31 -27.51
C GLU A 413 15.63 -1.27 -26.41
N TRP A 414 15.42 -1.71 -25.17
CA TRP A 414 15.05 -0.83 -24.07
C TRP A 414 15.95 0.40 -23.87
N ASN A 415 17.25 0.18 -23.80
CA ASN A 415 18.16 1.32 -23.63
C ASN A 415 18.16 2.22 -24.85
N THR A 416 18.09 1.63 -26.04
CA THR A 416 17.98 2.43 -27.25
C THR A 416 16.69 3.25 -27.20
N PHE A 417 15.62 2.62 -26.75
CA PHE A 417 14.31 3.25 -26.66
C PHE A 417 14.42 4.51 -25.81
N ILE A 418 14.94 4.35 -24.59
CA ILE A 418 15.08 5.49 -23.68
C ILE A 418 15.90 6.60 -24.33
N GLN A 419 16.99 6.24 -25.01
CA GLN A 419 17.83 7.22 -25.68
C GLN A 419 17.00 8.05 -26.68
N ARG A 420 16.22 7.36 -27.51
CA ARG A 420 15.51 8.01 -28.62
C ARG A 420 14.25 8.76 -28.21
N ILE A 421 13.67 8.38 -27.09
CA ILE A 421 12.59 9.18 -26.51
C ILE A 421 13.18 10.49 -26.02
N GLY A 422 14.46 10.44 -25.63
CA GLY A 422 15.14 11.61 -25.12
C GLY A 422 15.34 12.65 -26.21
N GLU A 423 15.50 12.16 -27.44
CA GLU A 423 15.69 13.02 -28.59
C GLU A 423 14.33 13.49 -29.12
N HIS A 424 13.30 13.25 -28.30
N HIS A 424 13.30 13.27 -28.31
CA HIS A 424 11.93 13.53 -28.68
CA HIS A 424 11.93 13.59 -28.72
C HIS A 424 11.73 13.29 -30.19
C HIS A 424 11.68 13.30 -30.19
N ARG A 425 11.79 12.02 -30.58
CA ARG A 425 11.54 11.64 -31.97
C ARG A 425 10.09 11.18 -32.12
N HIS A 426 9.43 10.97 -30.98
CA HIS A 426 8.11 10.34 -30.90
C HIS A 426 6.97 11.35 -31.05
N ASP A 427 5.81 10.87 -31.53
CA ASP A 427 4.57 11.65 -31.48
C ASP A 427 4.00 11.53 -30.08
N SER A 428 4.06 10.31 -29.55
CA SER A 428 3.57 10.04 -28.21
C SER A 428 4.26 8.76 -27.73
N VAL A 429 4.18 8.47 -26.44
CA VAL A 429 4.93 7.36 -25.88
C VAL A 429 4.26 6.82 -24.64
N LEU A 430 4.20 5.50 -24.54
CA LEU A 430 3.81 4.84 -23.29
C LEU A 430 5.06 4.73 -22.41
N LEU A 431 5.05 5.42 -21.28
CA LEU A 431 6.17 5.37 -20.36
C LEU A 431 5.65 5.45 -18.94
N GLY A 432 6.48 5.86 -18.00
CA GLY A 432 6.04 5.97 -16.62
C GLY A 432 7.19 6.21 -15.68
N TRP A 433 6.90 6.19 -14.39
CA TRP A 433 7.89 6.49 -13.39
C TRP A 433 7.63 5.66 -12.15
N ALA A 434 8.63 4.90 -11.73
CA ALA A 434 8.58 4.21 -10.44
C ALA A 434 9.31 5.07 -9.43
N ALA A 435 8.56 5.63 -8.48
CA ALA A 435 9.12 6.62 -7.56
C ALA A 435 10.35 6.11 -6.81
N ASP A 436 11.30 7.01 -6.62
CA ASP A 436 12.57 6.73 -5.99
C ASP A 436 12.53 6.94 -4.46
N THR A 437 11.58 7.76 -4.02
CA THR A 437 11.34 8.06 -2.60
C THR A 437 9.85 8.35 -2.40
N PRO A 438 9.40 8.46 -1.14
CA PRO A 438 7.98 8.78 -0.90
C PRO A 438 7.71 10.28 -0.87
N ASP A 439 8.66 11.10 -1.30
CA ASP A 439 8.41 12.53 -1.43
C ASP A 439 7.70 12.80 -2.75
N PRO A 440 6.54 13.48 -2.69
CA PRO A 440 5.72 13.71 -3.88
C PRO A 440 6.48 14.51 -4.94
N ASP A 441 7.51 15.28 -4.55
CA ASP A 441 8.29 16.00 -5.56
C ASP A 441 8.88 15.05 -6.61
N ASN A 442 9.18 13.83 -6.18
CA ASN A 442 9.81 12.85 -7.06
C ASN A 442 8.96 12.50 -8.32
N PHE A 443 7.65 12.69 -8.23
CA PHE A 443 6.75 12.44 -9.37
C PHE A 443 6.61 13.64 -10.33
N PHE A 444 7.18 14.79 -9.96
CA PHE A 444 6.94 16.01 -10.72
C PHE A 444 8.23 16.59 -11.28
N SER A 445 9.13 16.98 -10.39
CA SER A 445 10.35 17.66 -10.79
C SER A 445 11.19 16.85 -11.78
N PRO A 446 11.34 15.53 -11.54
CA PRO A 446 12.17 14.76 -12.47
C PRO A 446 11.47 14.44 -13.79
N LEU A 447 10.20 14.83 -13.91
CA LEU A 447 9.37 14.36 -15.02
C LEU A 447 8.86 15.49 -15.92
N LEU A 448 8.23 16.50 -15.31
CA LEU A 448 7.52 17.51 -16.09
C LEU A 448 7.99 18.94 -15.85
N SER A 449 9.10 19.10 -15.13
CA SER A 449 9.66 20.43 -14.89
C SER A 449 10.30 20.97 -16.15
N CYS A 450 10.57 22.27 -16.18
CA CYS A 450 11.34 22.85 -17.28
C CYS A 450 12.77 22.34 -17.28
N THR A 451 13.39 22.21 -16.11
CA THR A 451 14.75 21.67 -16.07
C THR A 451 14.82 20.24 -16.60
N ALA A 452 13.82 19.41 -16.27
CA ALA A 452 13.75 18.07 -16.84
C ALA A 452 13.67 18.18 -18.35
N THR A 453 12.84 19.09 -18.84
CA THR A 453 12.72 19.31 -20.29
C THR A 453 14.06 19.69 -20.90
N PHE A 454 14.70 20.68 -20.30
CA PHE A 454 15.99 21.14 -20.82
C PHE A 454 17.08 20.08 -20.65
N SER A 455 16.87 19.14 -19.74
CA SER A 455 17.84 18.08 -19.51
C SER A 455 17.51 16.88 -20.39
N GLY A 456 16.51 17.04 -21.26
CA GLY A 456 16.16 16.00 -22.22
C GLY A 456 15.42 14.82 -21.60
N LYS A 457 14.71 15.07 -20.50
CA LYS A 457 14.08 14.01 -19.73
C LYS A 457 12.57 14.16 -19.57
N ASN A 458 11.97 15.10 -20.29
CA ASN A 458 10.52 15.28 -20.26
C ASN A 458 9.90 14.66 -21.51
N PRO A 459 9.19 13.54 -21.33
CA PRO A 459 8.64 12.80 -22.49
C PRO A 459 7.55 13.59 -23.20
N ALA A 460 6.89 14.50 -22.48
CA ALA A 460 5.85 15.34 -23.06
C ALA A 460 6.46 16.58 -23.74
N ASN A 461 7.76 16.76 -23.58
CA ASN A 461 8.45 17.93 -24.12
C ASN A 461 7.73 19.21 -23.72
N TRP A 462 7.35 19.30 -22.44
CA TRP A 462 6.41 20.29 -21.96
C TRP A 462 7.04 21.16 -20.88
N CYS A 463 7.31 22.43 -21.21
CA CYS A 463 7.78 23.41 -20.23
C CYS A 463 6.68 24.41 -19.90
N ASN A 464 6.26 24.43 -18.65
CA ASN A 464 5.22 25.33 -18.20
C ASN A 464 5.65 25.97 -16.88
N PRO A 465 6.18 27.21 -16.94
CA PRO A 465 6.71 27.90 -15.75
C PRO A 465 5.66 28.11 -14.68
N GLU A 466 4.40 28.22 -15.07
CA GLU A 466 3.33 28.32 -14.10
C GLU A 466 3.29 27.02 -13.28
N PHE A 467 3.36 25.88 -13.98
CA PHE A 467 3.45 24.57 -13.32
C PHE A 467 4.67 24.52 -12.42
N ASP A 468 5.81 24.88 -12.98
CA ASP A 468 7.06 24.88 -12.24
C ASP A 468 6.99 25.69 -10.95
N LEU A 469 6.34 26.85 -11.00
CA LEU A 469 6.25 27.70 -9.82
C LEU A 469 5.55 26.98 -8.67
N LEU A 470 4.51 26.22 -8.98
CA LEU A 470 3.85 25.36 -8.01
C LEU A 470 4.82 24.42 -7.32
N LEU A 471 5.64 23.76 -8.14
CA LEU A 471 6.65 22.83 -7.65
C LEU A 471 7.67 23.52 -6.77
N THR A 472 8.02 24.75 -7.12
CA THR A 472 9.02 25.46 -6.35
C THR A 472 8.46 25.84 -4.99
N LYS A 473 7.22 26.33 -5.01
CA LYS A 473 6.58 26.76 -3.77
C LYS A 473 6.39 25.61 -2.81
N ALA A 474 6.14 24.42 -3.36
CA ALA A 474 6.03 23.20 -2.55
C ALA A 474 7.37 22.80 -1.92
N LEU A 475 8.48 23.21 -2.52
CA LEU A 475 9.79 22.93 -1.94
C LEU A 475 10.19 24.01 -0.94
N ASP A 476 9.49 25.13 -0.99
CA ASP A 476 9.79 26.27 -0.13
C ASP A 476 9.24 26.12 1.28
N THR A 477 8.45 25.08 1.51
CA THR A 477 7.86 24.86 2.83
C THR A 477 8.01 23.40 3.23
N THR A 478 8.18 23.15 4.53
CA THR A 478 8.27 21.77 5.00
C THR A 478 6.94 21.33 5.58
N ASP A 479 5.98 22.25 5.61
CA ASP A 479 4.64 21.95 6.08
C ASP A 479 3.90 21.12 5.05
N LEU A 480 3.52 19.92 5.47
CA LEU A 480 2.88 18.96 4.58
C LEU A 480 1.56 19.44 3.98
N ASN A 481 0.72 20.10 4.77
CA ASN A 481 -0.56 20.58 4.26
C ASN A 481 -0.37 21.66 3.20
N LEU A 482 0.57 22.57 3.46
CA LEU A 482 0.89 23.59 2.48
C LEU A 482 1.46 22.93 1.24
N ARG A 483 2.46 22.07 1.42
CA ARG A 483 3.02 21.35 0.29
C ARG A 483 1.92 20.68 -0.53
N LYS A 484 1.04 19.94 0.15
CA LYS A 484 -0.05 19.24 -0.52
C LYS A 484 -0.99 20.14 -1.32
N GLN A 485 -1.23 21.35 -0.83
CA GLN A 485 -2.05 22.30 -1.58
C GLN A 485 -1.41 22.56 -2.95
N TYR A 486 -0.12 22.85 -2.95
CA TYR A 486 0.58 23.05 -4.21
C TYR A 486 0.56 21.79 -5.08
N TYR A 487 0.79 20.64 -4.47
CA TYR A 487 0.73 19.41 -5.25
C TYR A 487 -0.67 19.11 -5.81
N ASP A 488 -1.71 19.54 -5.12
CA ASP A 488 -3.07 19.41 -5.64
C ASP A 488 -3.21 20.22 -6.92
N ALA A 489 -2.70 21.45 -6.89
CA ALA A 489 -2.79 22.35 -8.04
C ALA A 489 -1.98 21.82 -9.21
N ALA A 490 -0.83 21.22 -8.92
CA ALA A 490 -0.01 20.58 -9.95
C ALA A 490 -0.79 19.45 -10.60
N GLN A 491 -1.44 18.63 -9.77
CA GLN A 491 -2.20 17.49 -10.26
C GLN A 491 -3.34 17.93 -11.17
N SER A 492 -3.98 19.03 -10.82
CA SER A 492 -5.10 19.52 -11.60
C SER A 492 -4.61 20.04 -12.94
N MET A 493 -3.45 20.69 -12.93
CA MET A 493 -2.92 21.30 -14.14
C MET A 493 -2.54 20.24 -15.16
N ILE A 494 -2.05 19.11 -14.68
CA ILE A 494 -1.67 18.03 -15.57
C ILE A 494 -2.87 17.46 -16.31
N ILE A 495 -4.00 17.41 -15.61
CA ILE A 495 -5.24 16.86 -16.16
C ILE A 495 -5.97 17.87 -17.04
N GLU A 496 -5.78 19.17 -16.79
N GLU A 496 -5.76 19.16 -16.76
CA GLU A 496 -6.43 20.17 -17.61
CA GLU A 496 -6.37 20.23 -17.53
C GLU A 496 -5.64 20.43 -18.91
C GLU A 496 -5.64 20.45 -18.86
N GLN A 497 -4.33 20.18 -18.86
CA GLN A 497 -3.47 20.43 -20.03
C GLN A 497 -3.01 19.17 -20.73
N LEU A 498 -3.08 18.03 -20.04
CA LEU A 498 -2.73 16.76 -20.65
C LEU A 498 -1.40 16.72 -21.42
N PRO A 499 -0.32 17.15 -20.77
CA PRO A 499 0.98 16.84 -21.36
C PRO A 499 1.16 15.32 -21.37
N LEU A 500 0.70 14.67 -20.31
CA LEU A 500 0.58 13.23 -20.32
C LEU A 500 -0.75 12.84 -19.69
N TYR A 501 -1.20 11.63 -20.00
CA TYR A 501 -2.46 11.11 -19.49
C TYR A 501 -2.16 9.95 -18.55
N PRO A 502 -2.41 10.14 -17.23
CA PRO A 502 -2.18 9.05 -16.28
C PRO A 502 -3.08 7.87 -16.59
N ILE A 503 -2.51 6.68 -16.71
CA ILE A 503 -3.32 5.52 -17.03
C ILE A 503 -3.57 4.62 -15.83
N ALA A 504 -2.51 4.20 -15.16
CA ALA A 504 -2.64 3.20 -14.10
C ALA A 504 -1.39 3.08 -13.23
N HIS A 505 -1.57 2.47 -12.06
CA HIS A 505 -0.47 2.19 -11.13
C HIS A 505 -0.33 0.67 -11.02
N GLY A 506 0.90 0.19 -11.18
CA GLY A 506 1.13 -1.24 -11.16
C GLY A 506 1.51 -1.75 -9.78
N MET A 507 1.34 -3.04 -9.58
CA MET A 507 1.81 -3.69 -8.37
C MET A 507 3.22 -4.19 -8.64
N ARG A 508 4.09 -4.12 -7.65
CA ARG A 508 5.47 -4.53 -7.87
C ARG A 508 5.59 -6.04 -7.63
N PHE A 509 5.95 -6.78 -8.68
CA PHE A 509 6.03 -8.23 -8.58
C PHE A 509 7.44 -8.72 -8.84
N GLN A 510 7.79 -9.81 -8.19
CA GLN A 510 9.06 -10.48 -8.48
C GLN A 510 8.87 -11.94 -8.19
N ALA A 511 9.48 -12.78 -9.04
CA ALA A 511 9.39 -14.22 -8.85
C ALA A 511 10.77 -14.77 -8.51
N SER A 512 10.81 -15.77 -7.64
CA SER A 512 12.09 -16.30 -7.21
C SER A 512 11.92 -17.74 -6.74
N SER A 513 13.02 -18.50 -6.80
CA SER A 513 13.03 -19.84 -6.25
C SER A 513 12.74 -19.78 -4.75
N ALA A 514 11.93 -20.70 -4.25
CA ALA A 514 11.60 -20.72 -2.82
C ALA A 514 12.83 -20.89 -1.93
N ASP A 515 13.97 -21.23 -2.53
CA ASP A 515 15.22 -21.38 -1.77
C ASP A 515 15.85 -20.04 -1.42
N VAL A 516 15.40 -18.97 -2.06
N VAL A 516 15.38 -18.97 -2.06
CA VAL A 516 15.98 -17.66 -1.83
CA VAL A 516 15.95 -17.64 -1.86
C VAL A 516 15.23 -16.87 -0.76
C VAL A 516 15.22 -16.85 -0.76
N GLU A 517 15.99 -16.23 0.13
CA GLU A 517 15.43 -15.41 1.20
C GLU A 517 16.11 -14.03 1.16
N GLY A 518 15.53 -13.08 1.86
CA GLY A 518 16.19 -11.80 2.08
C GLY A 518 16.09 -10.75 1.00
N ILE A 519 15.14 -10.91 0.07
CA ILE A 519 14.86 -9.86 -0.90
C ILE A 519 13.45 -9.29 -0.75
N THR A 520 13.27 -8.35 0.17
CA THR A 520 11.97 -7.72 0.32
C THR A 520 11.79 -6.62 -0.75
N LEU A 521 10.63 -6.64 -1.41
CA LEU A 521 10.30 -5.58 -2.36
C LEU A 521 9.82 -4.37 -1.62
N GLY A 522 10.14 -3.18 -2.14
CA GLY A 522 9.79 -1.95 -1.46
C GLY A 522 8.76 -1.12 -2.22
N PRO A 523 8.03 -0.27 -1.48
CA PRO A 523 7.04 0.66 -2.06
C PRO A 523 7.71 1.76 -2.90
N PHE A 524 9.04 1.86 -2.85
CA PHE A 524 9.78 2.82 -3.69
C PHE A 524 11.25 2.43 -3.78
N GLY A 525 11.95 2.92 -4.80
CA GLY A 525 13.37 2.69 -4.91
C GLY A 525 13.74 1.36 -5.55
N ALA A 526 15.05 1.07 -5.60
CA ALA A 526 15.57 -0.07 -6.36
C ALA A 526 15.58 -1.38 -5.59
N ILE A 527 15.66 -2.49 -6.31
CA ILE A 527 15.91 -3.82 -5.75
C ILE A 527 17.24 -3.85 -5.02
N SER A 528 17.26 -4.47 -3.86
CA SER A 528 18.54 -4.70 -3.19
C SER A 528 18.72 -6.18 -2.92
N LEU A 529 19.92 -6.68 -3.21
CA LEU A 529 20.25 -8.06 -2.89
C LEU A 529 21.28 -8.09 -1.77
N ALA A 530 21.43 -6.97 -1.06
CA ALA A 530 22.38 -6.87 0.05
C ALA A 530 22.15 -7.97 1.10
N ASN A 531 20.89 -8.35 1.31
CA ASN A 531 20.58 -9.32 2.37
C ASN A 531 20.20 -10.69 1.84
N ALA A 532 20.34 -10.88 0.54
CA ALA A 532 19.92 -12.12 -0.10
C ALA A 532 20.77 -13.30 0.34
N ARG A 533 20.14 -14.46 0.46
CA ARG A 533 20.83 -15.70 0.75
C ARG A 533 19.99 -16.88 0.25
N LYS A 534 20.64 -18.04 0.14
CA LYS A 534 19.97 -19.28 -0.24
C LYS A 534 19.84 -20.22 0.96
N LYS A 535 18.85 -21.11 0.89
CA LYS A 535 18.60 -22.14 1.91
C LYS A 535 17.68 -21.63 3.00
N GLN B 29 7.09 -27.35 14.05
CA GLN B 29 7.24 -26.62 15.30
C GLN B 29 5.90 -26.00 15.69
N GLY B 30 5.96 -25.02 16.59
CA GLY B 30 4.78 -24.31 17.01
C GLY B 30 5.03 -22.83 16.81
N LEU B 31 4.00 -22.03 17.02
CA LEU B 31 4.15 -20.60 16.86
C LEU B 31 3.37 -19.95 17.98
N VAL B 32 3.96 -18.93 18.59
CA VAL B 32 3.29 -18.20 19.67
C VAL B 32 2.98 -16.80 19.19
N TYR B 33 1.70 -16.44 19.24
CA TYR B 33 1.20 -15.16 18.73
C TYR B 33 0.72 -14.36 19.93
N CYS B 34 1.27 -13.15 20.06
CA CYS B 34 0.92 -12.27 21.15
C CYS B 34 -0.32 -11.49 20.77
N ALA B 35 -1.46 -11.88 21.34
CA ALA B 35 -2.77 -11.33 20.99
C ALA B 35 -3.22 -10.24 21.96
N GLU B 36 -3.90 -9.21 21.46
CA GLU B 36 -4.18 -8.04 22.28
C GLU B 36 -5.38 -8.19 23.22
N ALA B 37 -6.21 -9.20 23.01
CA ALA B 37 -7.43 -9.34 23.80
C ALA B 37 -8.00 -10.75 23.77
N ASN B 38 -8.75 -11.08 24.82
CA ASN B 38 -9.54 -12.30 24.90
C ASN B 38 -10.50 -12.44 23.72
N PRO B 39 -10.65 -13.66 23.18
CA PRO B 39 -11.71 -13.86 22.19
C PRO B 39 -13.04 -13.89 22.91
N VAL B 40 -14.07 -13.22 22.39
CA VAL B 40 -15.38 -13.18 23.06
C VAL B 40 -16.20 -14.39 22.70
N SER B 41 -15.77 -15.09 21.65
CA SER B 41 -16.47 -16.28 21.19
C SER B 41 -15.58 -17.04 20.23
N PHE B 42 -15.99 -18.26 19.88
CA PHE B 42 -15.34 -19.00 18.81
C PHE B 42 -16.21 -19.13 17.57
N ASN B 43 -17.27 -18.32 17.53
CA ASN B 43 -18.07 -18.18 16.33
C ASN B 43 -17.96 -16.77 15.76
N PRO B 44 -17.28 -16.62 14.59
CA PRO B 44 -17.19 -15.28 13.97
C PRO B 44 -18.54 -14.58 13.83
N GLN B 45 -19.62 -15.34 13.72
CA GLN B 45 -20.93 -14.76 13.46
C GLN B 45 -21.36 -13.75 14.51
N VAL B 46 -20.89 -13.92 15.75
CA VAL B 46 -21.44 -13.17 16.87
C VAL B 46 -20.66 -11.90 17.30
N THR B 47 -19.70 -11.46 16.47
CA THR B 47 -18.84 -10.35 16.86
C THR B 47 -18.30 -9.58 15.65
N THR B 48 -18.00 -8.30 15.87
CA THR B 48 -17.32 -7.48 14.86
C THR B 48 -16.01 -6.92 15.41
N THR B 49 -15.55 -7.44 16.55
CA THR B 49 -14.27 -7.04 17.13
C THR B 49 -13.13 -7.81 16.49
N GLY B 50 -12.20 -7.09 15.88
CA GLY B 50 -11.15 -7.69 15.10
C GLY B 50 -10.20 -8.53 15.91
N SER B 51 -10.11 -8.23 17.20
CA SER B 51 -9.27 -8.98 18.12
C SER B 51 -9.71 -10.45 18.24
N THR B 52 -11.02 -10.67 18.29
CA THR B 52 -11.55 -12.02 18.28
C THR B 52 -11.43 -12.62 16.89
N ILE B 53 -11.84 -11.86 15.87
CA ILE B 53 -11.82 -12.36 14.50
C ILE B 53 -10.42 -12.78 14.03
N ASP B 54 -9.39 -12.05 14.47
CA ASP B 54 -8.01 -12.39 14.11
C ASP B 54 -7.59 -13.73 14.66
N ILE B 55 -8.10 -14.10 15.83
CA ILE B 55 -7.75 -15.37 16.42
C ILE B 55 -8.40 -16.55 15.71
N ILE B 56 -9.70 -16.47 15.47
CA ILE B 56 -10.53 -17.63 15.14
C ILE B 56 -10.91 -17.83 13.67
N ALA B 57 -11.16 -16.74 12.95
CA ALA B 57 -11.75 -16.83 11.60
C ALA B 57 -10.95 -17.67 10.59
N ASN B 58 -9.77 -17.20 10.20
CA ASN B 58 -9.01 -17.89 9.17
C ASN B 58 -8.37 -19.18 9.65
N GLN B 59 -8.33 -19.36 10.97
CA GLN B 59 -7.61 -20.51 11.54
C GLN B 59 -8.49 -21.75 11.66
N LEU B 60 -9.69 -21.58 12.20
CA LEU B 60 -10.59 -22.72 12.40
C LEU B 60 -11.51 -23.00 11.23
N TYR B 61 -11.70 -22.02 10.35
CA TYR B 61 -12.81 -22.06 9.40
C TYR B 61 -12.43 -21.71 7.96
N ASP B 62 -13.35 -21.98 7.05
CA ASP B 62 -13.30 -21.43 5.69
C ASP B 62 -14.62 -20.77 5.35
N ARG B 63 -14.60 -19.88 4.35
CA ARG B 63 -15.81 -19.23 3.86
C ARG B 63 -16.22 -19.89 2.55
N LEU B 64 -17.31 -19.44 1.95
CA LEU B 64 -17.65 -19.91 0.61
C LEU B 64 -16.69 -19.30 -0.41
N ILE B 65 -16.47 -18.00 -0.29
CA ILE B 65 -15.60 -17.27 -1.20
C ILE B 65 -14.76 -16.26 -0.42
N SER B 66 -13.74 -15.73 -1.06
CA SER B 66 -12.95 -14.65 -0.49
C SER B 66 -12.74 -13.58 -1.57
N ILE B 67 -12.05 -12.50 -1.22
CA ILE B 67 -11.73 -11.46 -2.19
C ILE B 67 -10.22 -11.37 -2.35
N ASP B 68 -9.72 -11.45 -3.57
CA ASP B 68 -8.28 -11.37 -3.78
C ASP B 68 -7.79 -9.99 -3.33
N PRO B 69 -6.69 -9.93 -2.57
CA PRO B 69 -6.21 -8.66 -2.02
C PRO B 69 -5.58 -7.75 -3.08
N VAL B 70 -5.22 -8.29 -4.23
CA VAL B 70 -4.63 -7.45 -5.27
C VAL B 70 -5.60 -7.11 -6.42
N THR B 71 -6.37 -8.09 -6.87
CA THR B 71 -7.29 -7.89 -7.99
C THR B 71 -8.69 -7.57 -7.52
N ALA B 72 -8.97 -7.82 -6.25
CA ALA B 72 -10.30 -7.62 -5.70
C ALA B 72 -11.36 -8.49 -6.37
N GLU B 73 -10.93 -9.51 -7.11
CA GLU B 73 -11.87 -10.45 -7.70
C GLU B 73 -12.27 -11.43 -6.61
N PHE B 74 -13.43 -12.08 -6.77
CA PHE B 74 -13.84 -13.12 -5.83
C PHE B 74 -13.06 -14.40 -6.11
N LYS B 75 -12.64 -15.07 -5.04
CA LYS B 75 -11.82 -16.27 -5.16
C LYS B 75 -12.52 -17.45 -4.50
N SER B 76 -12.24 -18.65 -5.00
CA SER B 76 -12.94 -19.83 -4.56
C SER B 76 -12.42 -20.29 -3.21
N GLU B 77 -13.32 -20.66 -2.31
CA GLU B 77 -12.91 -21.37 -1.10
C GLU B 77 -13.69 -22.67 -0.87
N LEU B 78 -14.84 -22.61 -0.21
CA LEU B 78 -15.67 -23.82 -0.03
C LEU B 78 -16.66 -23.88 -1.18
N ALA B 79 -16.82 -22.76 -1.88
CA ALA B 79 -17.61 -22.74 -3.11
C ALA B 79 -16.68 -22.78 -4.31
N THR B 80 -16.95 -23.71 -5.22
CA THR B 80 -16.09 -23.88 -6.37
C THR B 80 -16.55 -22.99 -7.52
N ASP B 81 -17.80 -22.54 -7.45
CA ASP B 81 -18.31 -21.61 -8.44
C ASP B 81 -19.55 -20.91 -7.89
N TRP B 82 -19.94 -19.81 -8.53
CA TRP B 82 -21.11 -19.04 -8.11
C TRP B 82 -21.69 -18.30 -9.29
N LYS B 83 -23.01 -18.24 -9.36
CA LYS B 83 -23.69 -17.54 -10.44
C LYS B 83 -24.79 -16.64 -9.89
N ILE B 84 -24.88 -15.41 -10.41
CA ILE B 84 -25.96 -14.52 -10.04
C ILE B 84 -26.99 -14.46 -11.16
N SER B 85 -28.27 -14.54 -10.81
CA SER B 85 -29.33 -14.45 -11.82
C SER B 85 -29.36 -13.06 -12.44
N LYS B 86 -30.08 -12.91 -13.55
CA LYS B 86 -30.15 -11.62 -14.23
C LYS B 86 -30.84 -10.56 -13.39
N ASP B 87 -31.80 -10.97 -12.58
CA ASP B 87 -32.46 -10.00 -11.70
C ASP B 87 -31.67 -9.81 -10.39
N GLY B 88 -30.59 -10.57 -10.24
CA GLY B 88 -29.72 -10.44 -9.09
C GLY B 88 -30.39 -10.84 -7.78
N LYS B 89 -31.50 -11.56 -7.87
CA LYS B 89 -32.23 -11.97 -6.68
C LYS B 89 -32.02 -13.44 -6.35
N SER B 90 -31.17 -14.11 -7.13
CA SER B 90 -30.81 -15.49 -6.87
C SER B 90 -29.31 -15.64 -7.06
N VAL B 91 -28.64 -16.22 -6.07
CA VAL B 91 -27.24 -16.55 -6.23
C VAL B 91 -27.01 -18.03 -5.92
N THR B 92 -26.45 -18.75 -6.88
CA THR B 92 -26.26 -20.18 -6.75
C THR B 92 -24.79 -20.49 -6.56
N PHE B 93 -24.48 -21.21 -5.48
CA PHE B 93 -23.12 -21.65 -5.20
C PHE B 93 -22.98 -23.15 -5.43
N THR B 94 -21.96 -23.55 -6.18
CA THR B 94 -21.57 -24.95 -6.25
C THR B 94 -20.52 -25.12 -5.18
N LEU B 95 -20.49 -26.29 -4.54
CA LEU B 95 -19.66 -26.48 -3.35
C LEU B 95 -18.56 -27.51 -3.51
N ARG B 96 -17.45 -27.27 -2.81
CA ARG B 96 -16.28 -28.15 -2.86
C ARG B 96 -16.55 -29.53 -2.27
N LYS B 97 -16.18 -30.57 -3.00
CA LYS B 97 -16.35 -31.95 -2.56
C LYS B 97 -15.15 -32.45 -1.77
N GLY B 98 -15.38 -33.43 -0.92
CA GLY B 98 -14.32 -34.03 -0.14
C GLY B 98 -13.75 -33.13 0.96
N VAL B 99 -14.58 -32.25 1.49
CA VAL B 99 -14.15 -31.36 2.57
C VAL B 99 -14.58 -31.94 3.90
N LYS B 100 -13.63 -32.15 4.80
CA LYS B 100 -13.93 -32.74 6.09
C LYS B 100 -14.00 -31.72 7.23
N PHE B 101 -14.94 -31.92 8.14
CA PHE B 101 -14.97 -31.15 9.37
C PHE B 101 -13.97 -31.73 10.35
N HIS B 102 -13.56 -30.91 11.31
CA HIS B 102 -12.58 -31.29 12.29
C HIS B 102 -13.05 -32.46 13.11
N THR B 103 -12.14 -33.38 13.40
CA THR B 103 -12.37 -34.32 14.49
C THR B 103 -11.69 -33.68 15.68
N THR B 104 -12.48 -33.42 16.72
CA THR B 104 -11.96 -32.79 17.92
C THR B 104 -12.24 -33.75 19.06
N ALA B 105 -11.86 -33.37 20.27
CA ALA B 105 -12.06 -34.22 21.44
C ALA B 105 -13.54 -34.42 21.73
N TYR B 106 -14.37 -33.53 21.18
CA TYR B 106 -15.79 -33.53 21.54
C TYR B 106 -16.70 -33.76 20.34
N PHE B 107 -16.12 -34.09 19.19
CA PHE B 107 -16.91 -34.33 17.98
C PHE B 107 -16.14 -35.12 16.94
N THR B 108 -16.78 -36.15 16.38
CA THR B 108 -16.23 -36.85 15.22
C THR B 108 -17.29 -36.85 14.15
N PRO B 109 -16.99 -36.25 12.99
CA PRO B 109 -17.98 -36.16 11.92
C PRO B 109 -18.24 -37.52 11.27
N THR B 110 -19.45 -37.65 10.75
CA THR B 110 -19.92 -38.87 10.10
C THR B 110 -20.03 -38.70 8.58
N ARG B 111 -19.95 -37.45 8.13
CA ARG B 111 -20.02 -37.14 6.71
C ARG B 111 -19.18 -35.91 6.38
N GLU B 112 -18.94 -35.66 5.10
CA GLU B 112 -18.17 -34.50 4.69
C GLU B 112 -19.04 -33.25 4.52
N PHE B 113 -18.41 -32.09 4.35
CA PHE B 113 -19.13 -30.85 4.14
C PHE B 113 -20.09 -30.95 2.95
N ASN B 114 -21.29 -30.39 3.08
CA ASN B 114 -22.26 -30.39 2.01
C ASN B 114 -23.28 -29.28 2.15
N ALA B 115 -24.22 -29.23 1.20
CA ALA B 115 -25.20 -28.16 1.08
C ALA B 115 -25.94 -27.84 2.38
N ASP B 116 -26.18 -28.84 3.21
CA ASP B 116 -26.97 -28.63 4.42
C ASP B 116 -26.22 -27.83 5.49
N ASP B 117 -24.89 -27.91 5.46
CA ASP B 117 -24.09 -27.10 6.38
C ASP B 117 -24.23 -25.63 6.02
N VAL B 118 -24.24 -25.34 4.72
CA VAL B 118 -24.46 -23.99 4.23
C VAL B 118 -25.85 -23.49 4.60
N ILE B 119 -26.86 -24.32 4.34
CA ILE B 119 -28.22 -23.92 4.65
C ILE B 119 -28.39 -23.70 6.15
N PHE B 120 -27.76 -24.54 6.96
CA PHE B 120 -27.87 -24.37 8.40
C PHE B 120 -27.14 -23.14 8.90
N THR B 121 -25.88 -22.99 8.50
CA THR B 121 -25.05 -21.87 8.92
C THR B 121 -25.75 -20.53 8.69
N PHE B 122 -26.23 -20.31 7.48
CA PHE B 122 -26.75 -19.00 7.12
C PHE B 122 -28.21 -18.80 7.47
N SER B 123 -28.97 -19.88 7.55
CA SER B 123 -30.34 -19.77 8.04
C SER B 123 -30.34 -19.44 9.53
N ARG B 124 -29.27 -19.79 10.24
CA ARG B 124 -29.19 -19.43 11.65
C ARG B 124 -29.31 -17.92 11.83
N LEU B 125 -28.89 -17.17 10.81
CA LEU B 125 -28.92 -15.72 10.89
C LEU B 125 -30.31 -15.10 10.64
N PHE B 126 -31.08 -15.66 9.72
CA PHE B 126 -32.31 -15.00 9.30
C PHE B 126 -33.59 -15.78 9.62
N ASP B 127 -33.45 -17.07 9.90
CA ASP B 127 -34.63 -17.93 10.01
C ASP B 127 -35.01 -18.15 11.47
N VAL B 128 -36.11 -17.55 11.90
CA VAL B 128 -36.49 -17.61 13.31
C VAL B 128 -36.81 -19.02 13.78
N TYR B 129 -36.99 -19.94 12.82
CA TYR B 129 -37.30 -21.32 13.14
C TYR B 129 -36.04 -22.17 13.24
N ASN B 130 -34.91 -21.58 12.84
CA ASN B 130 -33.64 -22.28 13.01
C ASN B 130 -33.40 -22.47 14.50
N PRO B 131 -33.15 -23.72 14.91
CA PRO B 131 -32.99 -24.06 16.33
C PRO B 131 -31.81 -23.36 16.99
N TYR B 132 -30.97 -22.67 16.21
CA TYR B 132 -29.84 -21.91 16.78
C TYR B 132 -29.97 -20.40 16.60
N HIS B 133 -31.06 -19.96 16.00
CA HIS B 133 -31.22 -18.55 15.74
C HIS B 133 -31.15 -17.73 17.02
N PHE B 134 -31.81 -18.21 18.07
CA PHE B 134 -31.89 -17.50 19.34
C PHE B 134 -30.89 -18.00 20.40
N VAL B 135 -29.95 -18.83 19.98
CA VAL B 135 -28.92 -19.34 20.89
C VAL B 135 -27.95 -18.24 21.35
N GLY B 136 -27.35 -18.45 22.52
CA GLY B 136 -26.35 -17.54 23.05
C GLY B 136 -26.98 -16.20 23.37
N ASP B 137 -26.35 -15.12 22.93
CA ASP B 137 -26.89 -13.80 23.15
C ASP B 137 -27.87 -13.46 22.04
N ALA B 138 -28.08 -14.40 21.12
CA ALA B 138 -29.00 -14.19 20.01
C ALA B 138 -28.63 -12.95 19.19
N ASN B 139 -27.32 -12.71 19.03
CA ASN B 139 -26.84 -11.52 18.33
C ASN B 139 -25.86 -11.84 17.22
N TYR B 140 -26.08 -11.25 16.04
CA TYR B 140 -25.16 -11.40 14.91
C TYR B 140 -24.90 -10.01 14.33
N PRO B 141 -24.04 -9.23 15.02
CA PRO B 141 -23.92 -7.79 14.83
C PRO B 141 -23.60 -7.35 13.42
N TYR B 142 -22.68 -8.01 12.71
CA TYR B 142 -22.40 -7.59 11.34
C TYR B 142 -23.65 -7.75 10.49
N PHE B 143 -24.21 -8.96 10.50
CA PHE B 143 -25.32 -9.30 9.64
C PHE B 143 -26.61 -8.56 9.98
N GLN B 144 -26.82 -8.22 11.25
CA GLN B 144 -27.98 -7.42 11.63
C GLN B 144 -27.77 -5.98 11.19
N SER B 145 -26.52 -5.52 11.26
CA SER B 145 -26.19 -4.15 10.88
C SER B 145 -26.43 -3.87 9.40
N VAL B 146 -26.17 -4.88 8.57
CA VAL B 146 -26.36 -4.72 7.14
C VAL B 146 -27.72 -5.27 6.67
N GLY B 147 -28.56 -5.67 7.63
CA GLY B 147 -29.93 -6.07 7.33
C GLY B 147 -30.15 -7.41 6.65
N ILE B 148 -29.32 -8.39 6.98
CA ILE B 148 -29.43 -9.72 6.37
C ILE B 148 -30.86 -10.25 6.37
N ASP B 149 -31.65 -9.89 7.38
CA ASP B 149 -32.99 -10.43 7.53
C ASP B 149 -33.97 -9.84 6.51
N GLN B 150 -33.76 -8.58 6.15
CA GLN B 150 -34.51 -7.97 5.04
C GLN B 150 -33.87 -8.34 3.71
N LEU B 151 -33.03 -9.38 3.72
CA LEU B 151 -32.38 -9.77 2.47
C LEU B 151 -32.64 -11.21 2.07
N ILE B 152 -32.22 -12.18 2.89
CA ILE B 152 -32.31 -13.58 2.47
C ILE B 152 -33.71 -14.14 2.72
N ARG B 153 -34.37 -14.56 1.65
CA ARG B 153 -35.68 -15.17 1.73
C ARG B 153 -35.55 -16.63 2.14
N LYS B 154 -34.71 -17.36 1.42
CA LYS B 154 -34.49 -18.77 1.71
C LYS B 154 -33.24 -19.24 0.99
N ILE B 155 -32.75 -20.40 1.40
CA ILE B 155 -31.66 -21.07 0.70
C ILE B 155 -32.16 -22.44 0.28
N VAL B 156 -32.11 -22.74 -1.02
CA VAL B 156 -32.61 -24.00 -1.57
C VAL B 156 -31.46 -24.98 -1.84
N ARG B 157 -31.63 -26.23 -1.41
CA ARG B 157 -30.68 -27.28 -1.78
C ARG B 157 -31.03 -27.78 -3.18
N VAL B 158 -30.23 -27.41 -4.17
CA VAL B 158 -30.48 -27.89 -5.53
C VAL B 158 -29.79 -29.22 -5.82
N SER B 159 -28.72 -29.50 -5.08
CA SER B 159 -28.11 -30.83 -5.07
C SER B 159 -27.16 -30.93 -3.88
N ASP B 160 -26.57 -32.10 -3.66
CA ASP B 160 -25.78 -32.35 -2.47
C ASP B 160 -24.68 -31.30 -2.29
N HIS B 161 -24.22 -30.74 -3.40
CA HIS B 161 -23.16 -29.73 -3.37
C HIS B 161 -23.49 -28.51 -4.23
N GLN B 162 -24.75 -28.11 -4.21
CA GLN B 162 -25.17 -26.89 -4.88
C GLN B 162 -26.36 -26.31 -4.11
N VAL B 163 -26.35 -24.99 -3.90
CA VAL B 163 -27.41 -24.32 -3.16
C VAL B 163 -27.68 -22.95 -3.76
N ARG B 164 -28.94 -22.52 -3.72
CA ARG B 164 -29.29 -21.21 -4.24
C ARG B 164 -29.85 -20.31 -3.14
N PHE B 165 -29.20 -19.18 -2.91
CA PHE B 165 -29.75 -18.14 -2.05
C PHE B 165 -30.78 -17.34 -2.82
N GLU B 166 -31.97 -17.18 -2.23
CA GLU B 166 -32.99 -16.33 -2.82
C GLU B 166 -33.10 -15.05 -1.99
N LEU B 167 -33.01 -13.90 -2.65
CA LEU B 167 -33.04 -12.60 -1.97
C LEU B 167 -34.33 -11.83 -2.26
N PHE B 168 -34.80 -11.05 -1.29
CA PHE B 168 -35.98 -10.24 -1.49
C PHE B 168 -35.71 -9.13 -2.48
N ASN B 169 -34.46 -8.71 -2.56
CA ASN B 169 -34.04 -7.70 -3.53
C ASN B 169 -32.56 -7.81 -3.87
N ALA B 170 -32.21 -7.41 -5.08
CA ALA B 170 -30.81 -7.33 -5.45
C ALA B 170 -30.12 -6.38 -4.49
N GLU B 171 -28.93 -6.78 -4.04
CA GLU B 171 -28.04 -5.89 -3.31
C GLU B 171 -26.64 -6.12 -3.86
N SER B 172 -26.04 -5.09 -4.43
CA SER B 172 -24.75 -5.25 -5.09
C SER B 172 -23.62 -5.60 -4.11
N SER B 173 -23.90 -5.55 -2.82
CA SER B 173 -22.89 -5.84 -1.81
C SER B 173 -22.97 -7.26 -1.28
N PHE B 174 -23.91 -8.04 -1.80
CA PHE B 174 -24.15 -9.37 -1.23
C PHE B 174 -22.96 -10.33 -1.32
N LEU B 175 -22.38 -10.51 -2.49
CA LEU B 175 -21.24 -11.39 -2.61
C LEU B 175 -20.10 -10.93 -1.69
N ALA B 176 -19.93 -9.62 -1.55
CA ALA B 176 -18.85 -9.10 -0.72
C ALA B 176 -19.10 -9.45 0.75
N ASN B 177 -20.36 -9.35 1.20
CA ASN B 177 -20.71 -9.72 2.58
C ASN B 177 -20.52 -11.21 2.83
N MET B 178 -20.70 -12.00 1.78
CA MET B 178 -20.51 -13.44 1.91
C MET B 178 -19.02 -13.79 1.86
N ALA B 179 -18.20 -12.78 1.58
CA ALA B 179 -16.74 -12.96 1.54
C ALA B 179 -16.08 -12.41 2.81
N THR B 180 -16.88 -11.95 3.76
CA THR B 180 -16.33 -11.42 5.01
C THR B 180 -15.94 -12.54 5.98
N ASP B 181 -15.08 -12.20 6.94
CA ASP B 181 -14.65 -13.16 7.95
C ASP B 181 -15.78 -13.67 8.83
N PHE B 182 -16.91 -12.96 8.86
CA PHE B 182 -18.06 -13.39 9.65
C PHE B 182 -18.84 -14.52 8.97
N ALA B 183 -18.63 -14.69 7.67
CA ALA B 183 -19.44 -15.61 6.87
C ALA B 183 -18.82 -17.01 6.78
N VAL B 184 -18.23 -17.50 7.88
CA VAL B 184 -17.61 -18.83 7.88
C VAL B 184 -18.67 -19.93 7.80
N VAL B 185 -18.25 -21.14 7.44
CA VAL B 185 -19.18 -22.26 7.40
C VAL B 185 -19.07 -23.12 8.65
N LEU B 186 -20.22 -23.41 9.24
CA LEU B 186 -20.31 -24.18 10.47
C LEU B 186 -20.83 -25.62 10.21
N SER B 187 -20.75 -26.46 11.22
CA SER B 187 -21.15 -27.86 11.10
C SER B 187 -22.59 -28.12 11.50
N LYS B 188 -23.45 -28.43 10.54
CA LYS B 188 -24.79 -28.81 10.92
C LYS B 188 -24.79 -30.08 11.77
N GLU B 189 -23.91 -31.03 11.46
CA GLU B 189 -23.92 -32.30 12.20
C GLU B 189 -23.64 -32.07 13.68
N TYR B 190 -22.57 -31.33 13.97
CA TYR B 190 -22.21 -30.98 15.34
C TYR B 190 -23.37 -30.24 16.01
N ALA B 191 -23.90 -29.23 15.33
CA ALA B 191 -25.04 -28.49 15.85
C ALA B 191 -26.16 -29.42 16.28
N MET B 192 -26.52 -30.36 15.42
CA MET B 192 -27.62 -31.27 15.70
C MET B 192 -27.29 -32.27 16.81
N ALA B 193 -26.05 -32.75 16.85
CA ALA B 193 -25.62 -33.65 17.92
C ALA B 193 -25.71 -32.95 19.27
N LEU B 194 -25.31 -31.68 19.32
CA LEU B 194 -25.46 -30.90 20.54
C LEU B 194 -26.92 -30.73 20.91
N LYS B 195 -27.74 -30.41 19.92
CA LYS B 195 -29.16 -30.18 20.15
C LYS B 195 -29.82 -31.40 20.78
N ALA B 196 -29.39 -32.57 20.32
CA ALA B 196 -29.92 -33.84 20.81
C ALA B 196 -29.69 -33.99 22.31
N ASN B 197 -28.66 -33.34 22.82
CA ASN B 197 -28.31 -33.44 24.24
C ASN B 197 -28.67 -32.19 25.05
N ASN B 198 -29.30 -31.23 24.40
CA ASN B 198 -29.63 -29.95 25.03
C ASN B 198 -28.39 -29.16 25.40
N GLN B 199 -27.37 -29.22 24.55
CA GLN B 199 -26.12 -28.52 24.82
C GLN B 199 -25.77 -27.50 23.73
N GLU B 200 -26.78 -26.78 23.25
CA GLU B 200 -26.57 -25.78 22.20
C GLU B 200 -25.58 -24.70 22.64
N ASN B 201 -25.56 -24.44 23.93
CA ASN B 201 -24.66 -23.42 24.50
C ASN B 201 -23.18 -23.74 24.30
N LEU B 202 -22.87 -24.99 23.95
CA LEU B 202 -21.49 -25.41 23.69
C LEU B 202 -21.07 -25.12 22.26
N PHE B 203 -22.05 -25.03 21.36
CA PHE B 203 -21.78 -24.92 19.93
C PHE B 203 -20.80 -23.78 19.57
N ASP B 204 -21.02 -22.60 20.14
CA ASP B 204 -20.15 -21.45 19.88
C ASP B 204 -18.90 -21.42 20.77
N GLN B 205 -18.86 -22.27 21.79
CA GLN B 205 -17.73 -22.29 22.72
C GLN B 205 -16.62 -23.28 22.35
N TYR B 206 -17.04 -24.45 21.87
CA TYR B 206 -16.13 -25.49 21.43
C TYR B 206 -16.41 -25.73 19.97
N PRO B 207 -15.62 -25.08 19.11
CA PRO B 207 -16.01 -24.97 17.70
C PRO B 207 -15.67 -26.20 16.88
N VAL B 208 -16.39 -26.38 15.78
CA VAL B 208 -15.99 -27.32 14.74
C VAL B 208 -15.99 -26.60 13.40
N GLY B 209 -14.86 -26.59 12.72
CA GLY B 209 -14.76 -25.96 11.42
C GLY B 209 -14.11 -26.85 10.38
N THR B 210 -13.79 -26.28 9.22
CA THR B 210 -13.12 -27.04 8.18
C THR B 210 -11.73 -26.48 7.96
N GLY B 211 -11.37 -25.47 8.75
CA GLY B 211 -10.14 -24.73 8.59
C GLY B 211 -8.83 -25.45 8.91
N PRO B 212 -7.70 -24.75 8.69
CA PRO B 212 -6.38 -25.38 8.80
C PRO B 212 -5.98 -25.77 10.22
N TYR B 213 -6.59 -25.16 11.24
CA TYR B 213 -6.28 -25.51 12.62
C TYR B 213 -7.51 -25.95 13.38
N ILE B 214 -7.30 -26.70 14.45
CA ILE B 214 -8.38 -27.25 15.27
C ILE B 214 -8.27 -26.76 16.70
N TYR B 215 -9.41 -26.48 17.32
CA TYR B 215 -9.47 -26.04 18.70
C TYR B 215 -8.94 -27.11 19.65
N LYS B 216 -8.04 -26.73 20.55
CA LYS B 216 -7.55 -27.67 21.57
C LYS B 216 -7.90 -27.24 22.99
N GLU B 217 -7.56 -26.00 23.32
CA GLU B 217 -7.72 -25.49 24.68
C GLU B 217 -7.88 -23.98 24.71
N TYR B 218 -8.70 -23.49 25.62
CA TYR B 218 -8.80 -22.06 25.85
C TYR B 218 -8.86 -21.78 27.34
N ARG B 219 -7.95 -20.96 27.82
CA ARG B 219 -8.00 -20.49 29.19
C ARG B 219 -8.17 -18.99 29.16
N ARG B 220 -9.34 -18.52 29.62
CA ARG B 220 -9.71 -17.13 29.47
C ARG B 220 -8.68 -16.19 30.10
N ASP B 221 -8.26 -15.19 29.31
CA ASP B 221 -7.29 -14.19 29.76
C ASP B 221 -5.86 -14.73 29.78
N HIS B 222 -5.68 -15.98 29.38
CA HIS B 222 -4.35 -16.57 29.38
C HIS B 222 -3.90 -16.99 27.99
N LEU B 223 -4.56 -18.00 27.43
CA LEU B 223 -4.17 -18.47 26.10
C LEU B 223 -5.26 -19.24 25.37
N VAL B 224 -5.10 -19.33 24.05
CA VAL B 224 -5.86 -20.28 23.25
C VAL B 224 -4.85 -21.14 22.49
N ARG B 225 -5.16 -22.43 22.38
CA ARG B 225 -4.24 -23.37 21.77
C ARG B 225 -4.96 -24.11 20.65
N PHE B 226 -4.39 -24.03 19.45
CA PHE B 226 -4.90 -24.75 18.28
C PHE B 226 -3.85 -25.76 17.82
N TYR B 227 -4.32 -26.82 17.16
N TYR B 227 -4.30 -26.83 17.16
CA TYR B 227 -3.46 -27.84 16.57
CA TYR B 227 -3.36 -27.77 16.56
C TYR B 227 -3.68 -27.91 15.05
C TYR B 227 -3.70 -28.04 15.09
N LYS B 228 -2.67 -28.39 14.33
CA LYS B 228 -2.79 -28.63 12.90
C LYS B 228 -3.98 -29.52 12.56
N ASN B 229 -4.73 -29.13 11.51
CA ASN B 229 -5.74 -30.01 10.92
C ASN B 229 -5.10 -30.89 9.86
N ALA B 230 -4.74 -32.11 10.25
CA ALA B 230 -4.03 -33.01 9.35
C ALA B 230 -4.76 -33.22 8.02
N ASP B 231 -6.07 -33.00 8.01
CA ASP B 231 -6.90 -33.31 6.84
C ASP B 231 -7.33 -32.07 6.10
N TYR B 232 -6.63 -30.97 6.31
CA TYR B 232 -7.04 -29.73 5.68
C TYR B 232 -7.06 -29.88 4.16
N TRP B 233 -8.13 -29.42 3.53
CA TRP B 233 -8.36 -29.69 2.12
C TRP B 233 -7.51 -28.87 1.16
N LYS B 234 -7.15 -27.65 1.52
CA LYS B 234 -6.53 -26.73 0.57
C LYS B 234 -5.05 -26.99 0.35
N HIS B 235 -4.36 -27.28 1.45
CA HIS B 235 -2.92 -27.51 1.40
C HIS B 235 -2.50 -28.21 2.67
N GLU B 236 -1.27 -28.72 2.70
CA GLU B 236 -0.72 -29.26 3.91
C GLU B 236 -0.48 -28.09 4.85
N VAL B 237 -0.89 -28.23 6.10
CA VAL B 237 -0.67 -27.17 7.09
C VAL B 237 0.71 -27.39 7.69
N ALA B 238 1.51 -26.33 7.75
CA ALA B 238 2.91 -26.47 8.15
C ALA B 238 3.15 -26.53 9.65
N LEU B 239 2.34 -25.82 10.43
CA LEU B 239 2.58 -25.73 11.86
C LEU B 239 1.83 -26.77 12.69
N GLU B 240 2.53 -27.39 13.63
CA GLU B 240 1.94 -28.40 14.50
C GLU B 240 1.04 -27.77 15.55
N GLN B 241 1.49 -26.68 16.13
CA GLN B 241 0.73 -25.97 17.15
C GLN B 241 0.66 -24.47 16.88
N LEU B 242 -0.50 -23.90 17.17
CA LEU B 242 -0.67 -22.46 17.20
C LEU B 242 -1.08 -22.07 18.61
N VAL B 243 -0.32 -21.19 19.26
CA VAL B 243 -0.69 -20.71 20.58
C VAL B 243 -0.86 -19.19 20.61
N TYR B 244 -2.02 -18.73 21.07
CA TYR B 244 -2.24 -17.32 21.30
C TYR B 244 -2.04 -16.97 22.77
N ASP B 245 -1.09 -16.08 23.01
CA ASP B 245 -0.77 -15.63 24.36
C ASP B 245 -1.50 -14.31 24.56
N ILE B 246 -2.56 -14.33 25.37
CA ILE B 246 -3.38 -13.13 25.55
C ILE B 246 -2.65 -12.10 26.39
N THR B 247 -2.29 -10.98 25.78
CA THR B 247 -1.42 -9.96 26.41
C THR B 247 -1.92 -8.56 26.06
N PRO B 248 -2.86 -8.03 26.87
CA PRO B 248 -3.51 -6.75 26.60
C PRO B 248 -2.56 -5.56 26.54
N ASN B 249 -1.54 -5.57 27.39
CA ASN B 249 -0.62 -4.44 27.42
C ASN B 249 0.32 -4.38 26.22
N GLY B 250 0.20 -3.29 25.45
CA GLY B 250 1.04 -3.10 24.28
C GLY B 250 2.54 -3.24 24.47
N THR B 251 3.11 -2.56 25.46
CA THR B 251 4.56 -2.64 25.66
C THR B 251 4.98 -4.04 26.11
N THR B 252 4.08 -4.75 26.78
CA THR B 252 4.40 -6.12 27.20
C THR B 252 4.49 -7.03 25.97
N ARG B 253 3.67 -6.75 24.95
CA ARG B 253 3.76 -7.50 23.71
C ARG B 253 5.09 -7.24 23.03
N ILE B 254 5.55 -6.00 23.09
CA ILE B 254 6.88 -5.68 22.61
C ILE B 254 7.92 -6.42 23.45
N ALA B 255 7.77 -6.36 24.77
CA ALA B 255 8.68 -7.07 25.66
C ALA B 255 8.79 -8.56 25.29
N LYS B 256 7.65 -9.22 25.06
CA LYS B 256 7.66 -10.65 24.77
C LYS B 256 8.32 -11.03 23.45
N ILE B 257 8.14 -10.23 22.41
CA ILE B 257 8.84 -10.54 21.17
C ILE B 257 10.37 -10.32 21.32
N LEU B 258 10.78 -9.39 22.18
CA LEU B 258 12.20 -9.13 22.37
C LEU B 258 12.87 -10.28 23.13
N THR B 259 12.11 -10.91 24.02
CA THR B 259 12.64 -12.01 24.82
C THR B 259 12.42 -13.34 24.13
N LYS B 260 11.82 -13.32 22.95
CA LYS B 260 11.49 -14.52 22.19
C LYS B 260 10.38 -15.36 22.83
N GLU B 261 9.64 -14.79 23.78
CA GLU B 261 8.49 -15.47 24.36
C GLU B 261 7.37 -15.57 23.34
N CYS B 262 7.32 -14.59 22.44
CA CYS B 262 6.34 -14.56 21.36
C CYS B 262 7.10 -14.61 20.03
N ASP B 263 6.48 -15.21 19.03
CA ASP B 263 7.04 -15.26 17.68
C ASP B 263 6.41 -14.18 16.82
N VAL B 264 5.19 -13.79 17.15
CA VAL B 264 4.47 -12.75 16.41
C VAL B 264 3.76 -11.83 17.39
N THR B 265 3.83 -10.53 17.14
CA THR B 265 3.19 -9.57 18.03
C THR B 265 2.15 -8.77 17.28
N ALA B 266 0.92 -8.90 17.73
CA ALA B 266 -0.17 -8.16 17.12
C ALA B 266 -0.09 -6.70 17.59
N HIS B 267 -0.38 -5.80 16.68
CA HIS B 267 -0.53 -4.38 16.99
C HIS B 267 0.65 -3.82 17.78
N PRO B 268 1.87 -3.91 17.21
CA PRO B 268 3.06 -3.41 17.88
C PRO B 268 2.95 -1.92 18.24
N SER B 269 3.29 -1.58 19.48
CA SER B 269 3.28 -0.18 19.92
C SER B 269 4.13 0.71 19.01
N SER B 270 3.52 1.77 18.52
CA SER B 270 4.20 2.67 17.60
C SER B 270 5.49 3.27 18.18
N ALA B 271 5.47 3.56 19.47
CA ALA B 271 6.64 4.13 20.14
C ALA B 271 7.83 3.18 20.15
N GLN B 272 7.56 1.90 19.89
CA GLN B 272 8.64 0.91 19.88
C GLN B 272 8.95 0.37 18.49
N LEU B 273 8.34 0.96 17.46
CA LEU B 273 8.66 0.54 16.11
C LEU B 273 10.14 0.70 15.81
N SER B 274 10.71 1.81 16.26
CA SER B 274 12.10 2.12 15.96
C SER B 274 13.03 1.10 16.62
N ILE B 275 12.70 0.72 17.85
CA ILE B 275 13.44 -0.30 18.57
C ILE B 275 13.42 -1.65 17.84
N LEU B 276 12.25 -2.06 17.36
CA LEU B 276 12.10 -3.32 16.65
C LEU B 276 12.83 -3.32 15.30
N ALA B 277 12.84 -2.16 14.67
CA ALA B 277 13.44 -2.01 13.35
C ALA B 277 14.93 -2.23 13.44
N GLN B 278 15.49 -1.90 14.59
CA GLN B 278 16.92 -2.03 14.82
C GLN B 278 17.38 -3.46 15.15
N ARG B 279 16.47 -4.34 15.56
CA ARG B 279 16.84 -5.73 15.86
C ARG B 279 16.94 -6.59 14.60
N ASP B 280 18.08 -7.24 14.39
CA ASP B 280 18.30 -8.00 13.15
C ASP B 280 17.36 -9.19 12.98
N ASP B 281 16.98 -9.80 14.10
CA ASP B 281 16.17 -11.00 14.04
C ASP B 281 14.68 -10.71 14.16
N ILE B 282 14.28 -9.50 13.80
CA ILE B 282 12.87 -9.11 13.87
C ILE B 282 12.45 -8.42 12.60
N ASN B 283 11.36 -8.91 12.01
CA ASN B 283 10.76 -8.25 10.85
C ASN B 283 9.51 -7.48 11.27
N VAL B 284 9.28 -6.33 10.66
CA VAL B 284 8.07 -5.57 10.92
C VAL B 284 7.44 -5.21 9.58
N GLU B 285 6.31 -5.82 9.29
CA GLU B 285 5.61 -5.55 8.04
C GLU B 285 4.87 -4.24 8.18
N ARG B 286 4.84 -3.47 7.11
CA ARG B 286 4.21 -2.16 7.08
C ARG B 286 3.37 -2.06 5.80
N GLU B 287 2.06 -2.14 5.93
CA GLU B 287 1.22 -2.21 4.74
C GLU B 287 0.03 -1.24 4.73
N THR B 288 -0.30 -0.73 3.55
CA THR B 288 -1.48 0.13 3.42
C THR B 288 -2.73 -0.68 3.71
N ASN B 289 -3.79 -0.01 4.13
CA ASN B 289 -4.95 -0.73 4.63
C ASN B 289 -6.20 0.15 4.61
N LEU B 290 -7.33 -0.43 4.24
CA LEU B 290 -8.60 0.28 4.24
C LEU B 290 -9.16 0.41 5.66
N ASN B 291 -8.96 1.58 6.28
CA ASN B 291 -9.44 1.80 7.65
C ASN B 291 -9.65 3.28 7.95
N ILE B 292 -10.44 3.56 8.98
CA ILE B 292 -10.67 4.94 9.40
C ILE B 292 -10.73 5.00 10.92
N GLY B 293 -10.01 5.97 11.49
CA GLY B 293 -10.12 6.29 12.90
C GLY B 293 -10.86 7.62 13.03
N TYR B 294 -11.81 7.68 13.95
CA TYR B 294 -12.70 8.84 14.03
C TYR B 294 -13.03 9.20 15.47
N TRP B 295 -13.64 10.36 15.62
CA TRP B 295 -14.15 10.83 16.91
C TRP B 295 -15.66 10.89 16.79
N ALA B 296 -16.34 9.94 17.40
CA ALA B 296 -17.78 9.82 17.25
C ALA B 296 -18.53 10.51 18.40
N PHE B 297 -19.54 11.29 18.04
CA PHE B 297 -20.38 11.93 19.06
C PHE B 297 -21.69 11.16 19.27
N ASN B 298 -22.09 10.99 20.52
CA ASN B 298 -23.42 10.47 20.83
C ASN B 298 -24.48 11.51 20.45
N THR B 299 -24.94 11.48 19.20
CA THR B 299 -25.81 12.50 18.66
C THR B 299 -27.20 12.55 19.28
N GLU B 300 -27.47 11.68 20.25
CA GLU B 300 -28.74 11.69 20.95
C GLU B 300 -28.58 12.20 22.38
N ARG B 301 -27.43 12.79 22.68
CA ARG B 301 -27.22 13.30 24.04
C ARG B 301 -26.78 14.74 24.04
N PRO B 302 -27.65 15.64 24.53
CA PRO B 302 -27.29 17.06 24.63
C PRO B 302 -25.97 17.21 25.39
N PRO B 303 -25.14 18.17 24.98
CA PRO B 303 -25.37 19.11 23.87
C PRO B 303 -24.89 18.58 22.52
N PHE B 304 -24.52 17.31 22.45
CA PHE B 304 -23.93 16.77 21.22
C PHE B 304 -24.97 16.52 20.14
N ASP B 305 -26.25 16.69 20.49
CA ASP B 305 -27.32 16.62 19.50
C ASP B 305 -27.37 17.90 18.67
N ASN B 306 -26.57 18.89 19.08
CA ASN B 306 -26.55 20.21 18.46
C ASN B 306 -25.41 20.34 17.47
N LEU B 307 -25.74 20.45 16.19
CA LEU B 307 -24.73 20.47 15.14
C LEU B 307 -23.70 21.58 15.37
N LYS B 308 -24.12 22.69 15.97
CA LYS B 308 -23.22 23.81 16.21
C LYS B 308 -22.17 23.39 17.22
N VAL B 309 -22.57 22.59 18.20
CA VAL B 309 -21.63 22.08 19.17
C VAL B 309 -20.64 21.15 18.47
N ARG B 310 -21.15 20.22 17.67
CA ARG B 310 -20.27 19.28 16.96
C ARG B 310 -19.27 20.01 16.05
N GLN B 311 -19.75 21.02 15.33
CA GLN B 311 -18.89 21.82 14.49
C GLN B 311 -17.84 22.56 15.34
N ALA B 312 -18.29 23.18 16.43
CA ALA B 312 -17.37 23.89 17.32
C ALA B 312 -16.26 22.97 17.78
N LEU B 313 -16.63 21.78 18.23
CA LEU B 313 -15.68 20.87 18.86
C LEU B 313 -14.56 20.41 17.90
N VAL B 314 -14.91 20.03 16.68
CA VAL B 314 -13.91 19.52 15.75
C VAL B 314 -12.85 20.57 15.36
N HIS B 315 -13.26 21.83 15.27
CA HIS B 315 -12.34 22.93 14.96
C HIS B 315 -11.28 23.17 16.03
N ALA B 316 -11.48 22.61 17.22
CA ALA B 316 -10.59 22.86 18.34
C ALA B 316 -9.40 21.91 18.39
N ILE B 317 -9.45 20.85 17.58
CA ILE B 317 -8.50 19.75 17.66
C ILE B 317 -7.30 19.92 16.72
N ASP B 318 -6.09 19.86 17.29
CA ASP B 318 -4.86 20.00 16.51
C ASP B 318 -4.51 18.67 15.86
N ILE B 319 -5.04 18.44 14.66
CA ILE B 319 -4.92 17.13 14.02
C ILE B 319 -3.47 16.84 13.64
N GLU B 320 -2.78 17.86 13.18
CA GLU B 320 -1.38 17.70 12.82
C GLU B 320 -0.55 17.26 14.01
N LYS B 321 -0.83 17.82 15.18
CA LYS B 321 -0.15 17.38 16.40
C LYS B 321 -0.43 15.90 16.64
N ILE B 322 -1.64 15.47 16.30
CA ILE B 322 -2.02 14.07 16.45
C ILE B 322 -1.29 13.16 15.45
N MET B 323 -1.21 13.60 14.20
CA MET B 323 -0.55 12.80 13.16
C MET B 323 0.89 12.52 13.54
N GLN B 324 1.49 13.44 14.28
CA GLN B 324 2.88 13.31 14.69
C GLN B 324 3.02 12.54 15.99
N ALA B 325 2.32 12.99 17.03
CA ALA B 325 2.49 12.41 18.36
C ALA B 325 1.83 11.05 18.51
N VAL B 326 0.71 10.84 17.82
CA VAL B 326 0.01 9.56 17.93
C VAL B 326 0.39 8.63 16.80
N TYR B 327 0.31 9.11 15.57
CA TYR B 327 0.53 8.23 14.43
C TYR B 327 1.99 8.15 14.02
N TYR B 328 2.84 8.98 14.63
CA TYR B 328 4.26 9.00 14.30
C TYR B 328 4.52 9.20 12.82
N GLY B 329 3.69 10.00 12.16
CA GLY B 329 3.88 10.33 10.76
C GLY B 329 3.63 9.21 9.76
N ASN B 330 3.12 8.08 10.24
CA ASN B 330 2.85 6.92 9.40
C ASN B 330 1.42 6.88 8.85
N GLY B 331 0.53 7.67 9.46
CA GLY B 331 -0.86 7.67 9.04
C GLY B 331 -1.14 8.77 8.02
N LEU B 332 -2.30 8.68 7.37
CA LEU B 332 -2.74 9.70 6.42
C LEU B 332 -3.87 10.53 7.02
N ARG B 333 -3.76 11.86 6.95
CA ARG B 333 -4.82 12.71 7.46
C ARG B 333 -6.07 12.42 6.66
N ALA B 334 -7.20 12.35 7.35
CA ALA B 334 -8.47 12.05 6.71
C ALA B 334 -9.03 13.24 5.95
N ARG B 335 -9.58 12.98 4.77
CA ARG B 335 -10.23 14.00 3.95
C ARG B 335 -11.70 13.62 3.73
N SER B 336 -12.07 12.47 4.31
CA SER B 336 -13.42 11.92 4.22
C SER B 336 -13.44 10.76 5.19
N ILE B 337 -14.61 10.15 5.36
CA ILE B 337 -14.67 8.93 6.16
C ILE B 337 -13.92 7.82 5.43
N LEU B 338 -13.90 7.88 4.10
CA LEU B 338 -13.24 6.85 3.31
C LEU B 338 -11.75 7.15 3.17
N PRO B 339 -10.92 6.10 3.23
CA PRO B 339 -9.48 6.16 2.97
C PRO B 339 -9.26 6.43 1.48
N PRO B 340 -8.16 7.11 1.13
CA PRO B 340 -7.93 7.51 -0.26
C PRO B 340 -7.80 6.32 -1.20
N THR B 341 -7.63 5.12 -0.64
CA THR B 341 -7.52 3.91 -1.44
C THR B 341 -8.88 3.24 -1.74
N SER B 342 -9.95 3.74 -1.14
CA SER B 342 -11.30 3.26 -1.48
C SER B 342 -11.67 3.78 -2.85
N TRP B 343 -12.29 2.95 -3.69
CA TRP B 343 -12.61 3.39 -5.04
C TRP B 343 -13.71 4.45 -5.06
N ALA B 344 -14.35 4.66 -3.93
CA ALA B 344 -15.39 5.68 -3.83
C ALA B 344 -14.89 6.94 -3.14
N PHE B 345 -13.62 6.93 -2.73
CA PHE B 345 -13.05 8.07 -2.01
C PHE B 345 -13.26 9.36 -2.78
N GLU B 346 -13.71 10.38 -2.09
CA GLU B 346 -13.80 11.72 -2.66
C GLU B 346 -13.44 12.64 -1.52
N PRO B 347 -12.42 13.49 -1.71
CA PRO B 347 -12.08 14.43 -0.64
C PRO B 347 -13.18 15.49 -0.45
N GLN B 348 -13.44 15.86 0.79
CA GLN B 348 -14.52 16.79 1.10
C GLN B 348 -14.03 18.23 1.20
N LYS B 349 -14.59 19.09 0.38
CA LYS B 349 -14.21 20.49 0.36
C LYS B 349 -14.39 21.12 1.74
N ASN B 350 -15.44 20.72 2.44
CA ASN B 350 -15.81 21.34 3.71
C ASN B 350 -15.27 20.64 4.95
N MET B 351 -14.19 19.88 4.77
CA MET B 351 -13.53 19.24 5.90
C MET B 351 -13.06 20.33 6.86
N PRO B 352 -13.42 20.20 8.14
CA PRO B 352 -13.11 21.24 9.12
C PRO B 352 -11.61 21.38 9.28
N ILE B 353 -11.14 22.61 9.49
CA ILE B 353 -9.72 22.82 9.69
C ILE B 353 -9.46 23.25 11.12
N PHE B 354 -8.26 22.95 11.61
CA PHE B 354 -7.87 23.38 12.94
C PHE B 354 -7.89 24.90 13.04
N ASP B 355 -8.65 25.41 14.01
CA ASP B 355 -8.82 26.86 14.20
C ASP B 355 -9.48 27.13 15.55
N PRO B 356 -8.66 27.22 16.61
CA PRO B 356 -9.16 27.40 17.98
C PRO B 356 -10.06 28.63 18.12
N GLN B 357 -9.75 29.70 17.39
CA GLN B 357 -10.57 30.91 17.44
C GLN B 357 -11.96 30.71 16.85
N LEU B 358 -12.04 29.96 15.76
CA LEU B 358 -13.32 29.70 15.11
C LEU B 358 -14.17 28.80 16.01
N ALA B 359 -13.49 27.94 16.75
CA ALA B 359 -14.15 26.99 17.63
C ALA B 359 -14.83 27.72 18.79
N LYS B 360 -14.05 28.55 19.48
CA LYS B 360 -14.57 29.34 20.58
C LYS B 360 -15.72 30.22 20.10
N LYS B 361 -15.55 30.79 18.91
CA LYS B 361 -16.56 31.67 18.31
C LYS B 361 -17.87 30.93 18.12
N LEU B 362 -17.79 29.67 17.68
CA LEU B 362 -18.97 28.87 17.41
C LEU B 362 -19.63 28.34 18.68
N LEU B 363 -18.80 27.99 19.66
CA LEU B 363 -19.30 27.50 20.94
C LEU B 363 -20.17 28.55 21.60
N THR B 364 -19.83 29.81 21.38
CA THR B 364 -20.56 30.93 21.96
C THR B 364 -21.88 31.14 21.22
N GLU B 365 -21.82 31.16 19.90
CA GLU B 365 -23.06 31.30 19.14
C GLU B 365 -23.77 29.95 19.13
N ALA B 366 -23.77 29.30 20.28
CA ALA B 366 -24.28 27.95 20.41
C ALA B 366 -25.40 27.74 21.44
N GLY B 367 -25.28 28.34 22.61
CA GLY B 367 -24.13 29.16 22.99
C GLY B 367 -23.57 28.75 24.34
N TYR B 368 -22.44 28.06 24.30
CA TYR B 368 -21.76 27.59 25.50
C TYR B 368 -20.44 28.32 25.71
N GLU B 369 -20.48 29.64 25.65
CA GLU B 369 -19.26 30.42 25.78
C GLU B 369 -18.57 30.11 27.10
N LYS B 370 -19.30 29.46 28.01
CA LYS B 370 -18.69 29.06 29.28
C LYS B 370 -18.29 27.58 29.25
N GLY B 371 -18.41 26.97 28.08
CA GLY B 371 -18.04 25.57 27.89
C GLY B 371 -18.90 24.58 28.66
N PHE B 372 -18.34 23.39 28.91
CA PHE B 372 -19.07 22.33 29.59
C PHE B 372 -18.17 21.14 29.78
N ASP B 373 -18.59 20.19 30.60
CA ASP B 373 -17.86 18.95 30.78
C ASP B 373 -18.34 17.90 29.78
N MET B 374 -17.42 17.16 29.17
CA MET B 374 -17.77 16.00 28.37
C MET B 374 -16.76 14.88 28.62
N SER B 375 -17.19 13.63 28.41
CA SER B 375 -16.28 12.50 28.41
C SER B 375 -15.77 12.21 27.00
N ILE B 376 -14.53 11.74 26.90
CA ILE B 376 -14.02 11.13 25.69
C ILE B 376 -13.60 9.72 26.05
N TRP B 377 -14.32 8.76 25.49
CA TRP B 377 -14.00 7.37 25.68
C TRP B 377 -12.85 6.94 24.79
N ALA B 378 -11.82 6.34 25.39
CA ALA B 378 -10.64 5.96 24.64
C ALA B 378 -10.27 4.50 24.89
N MET B 379 -10.02 3.78 23.80
CA MET B 379 -9.65 2.37 23.83
C MET B 379 -8.28 2.16 24.46
N PRO B 380 -8.14 1.08 25.23
CA PRO B 380 -6.92 0.73 25.95
C PRO B 380 -5.89 -0.03 25.10
N VAL B 381 -6.26 -0.41 23.88
CA VAL B 381 -5.35 -1.17 23.03
C VAL B 381 -5.15 -0.48 21.70
N SER B 382 -4.02 -0.78 21.06
CA SER B 382 -3.69 -0.22 19.76
C SER B 382 -4.57 -0.88 18.71
N ARG B 383 -5.07 -0.08 17.76
CA ARG B 383 -5.84 -0.56 16.61
C ARG B 383 -5.17 -0.03 15.35
N ILE B 384 -5.48 -0.63 14.20
CA ILE B 384 -4.89 -0.17 12.95
C ILE B 384 -5.20 1.29 12.70
N TYR B 385 -6.43 1.69 13.03
CA TYR B 385 -6.88 3.05 12.78
C TYR B 385 -6.52 4.02 13.89
N ASN B 386 -5.88 3.52 14.94
CA ASN B 386 -5.52 4.36 16.09
C ASN B 386 -4.56 3.64 17.02
N PRO B 387 -3.21 3.95 16.82
CA PRO B 387 -2.31 3.20 17.71
C PRO B 387 -2.26 3.60 19.20
N ASN B 388 -2.86 4.72 19.59
CA ASN B 388 -2.87 5.14 21.00
C ASN B 388 -4.00 6.11 21.29
N ALA B 389 -5.20 5.58 21.59
CA ALA B 389 -6.35 6.44 21.80
C ALA B 389 -6.22 7.23 23.10
N ARG B 390 -5.56 6.64 24.10
CA ARG B 390 -5.38 7.36 25.35
C ARG B 390 -4.59 8.62 25.07
N LYS B 391 -3.44 8.47 24.42
CA LYS B 391 -2.65 9.63 24.05
C LYS B 391 -3.44 10.62 23.22
N MET B 392 -4.19 10.14 22.23
CA MET B 392 -5.00 11.02 21.41
C MET B 392 -5.97 11.80 22.29
N ALA B 393 -6.60 11.08 23.21
CA ALA B 393 -7.58 11.66 24.12
C ALA B 393 -6.94 12.76 24.97
N GLU B 394 -5.72 12.51 25.43
CA GLU B 394 -5.00 13.45 26.28
C GLU B 394 -4.69 14.72 25.50
N LEU B 395 -4.34 14.58 24.22
CA LEU B 395 -4.05 15.73 23.38
C LEU B 395 -5.32 16.54 23.18
N MET B 396 -6.40 15.86 22.86
CA MET B 396 -7.69 16.52 22.67
C MET B 396 -8.16 17.21 23.96
N GLN B 397 -7.96 16.55 25.09
CA GLN B 397 -8.31 17.12 26.39
C GLN B 397 -7.56 18.41 26.62
N SER B 398 -6.30 18.44 26.18
CA SER B 398 -5.50 19.64 26.29
C SER B 398 -6.00 20.72 25.33
N ASP B 399 -6.33 20.35 24.10
CA ASP B 399 -6.83 21.32 23.13
C ASP B 399 -8.16 21.90 23.59
N LEU B 400 -9.06 21.02 24.01
CA LEU B 400 -10.41 21.41 24.35
C LEU B 400 -10.48 22.28 25.61
N ARG B 401 -9.60 22.01 26.56
CA ARG B 401 -9.52 22.84 27.75
C ARG B 401 -9.34 24.31 27.34
N LYS B 402 -8.78 24.53 26.17
CA LYS B 402 -8.48 25.88 25.70
C LYS B 402 -9.71 26.66 25.25
N ILE B 403 -10.80 25.96 24.97
CA ILE B 403 -12.05 26.64 24.66
C ILE B 403 -13.11 26.36 25.73
N GLY B 404 -12.66 25.95 26.90
CA GLY B 404 -13.55 25.80 28.03
C GLY B 404 -14.28 24.47 28.12
N VAL B 405 -13.91 23.52 27.26
CA VAL B 405 -14.49 22.18 27.34
C VAL B 405 -13.62 21.27 28.18
N ASN B 406 -14.18 20.83 29.32
CA ASN B 406 -13.50 20.02 30.31
C ASN B 406 -13.71 18.53 30.08
N VAL B 407 -12.72 17.90 29.47
CA VAL B 407 -12.80 16.50 29.10
C VAL B 407 -12.40 15.60 30.26
N ASN B 408 -13.21 14.59 30.53
CA ASN B 408 -12.74 13.47 31.34
C ASN B 408 -12.55 12.24 30.44
N ILE B 409 -11.41 11.58 30.58
CA ILE B 409 -11.09 10.43 29.75
C ILE B 409 -11.62 9.16 30.38
N VAL B 410 -12.39 8.40 29.62
CA VAL B 410 -12.92 7.13 30.11
C VAL B 410 -12.31 5.96 29.36
N GLU B 411 -11.91 4.93 30.09
CA GLU B 411 -11.20 3.79 29.52
C GLU B 411 -11.56 2.51 30.28
N TYR B 412 -11.79 1.43 29.53
CA TYR B 412 -12.05 0.11 30.10
C TYR B 412 -11.35 -0.97 29.27
N GLU B 413 -11.20 -2.15 29.86
CA GLU B 413 -10.76 -3.32 29.12
C GLU B 413 -11.48 -3.36 27.76
N TRP B 414 -10.76 -3.78 26.74
CA TRP B 414 -11.20 -3.65 25.35
C TRP B 414 -12.59 -4.24 25.06
N ASN B 415 -12.84 -5.45 25.53
CA ASN B 415 -14.14 -6.07 25.24
C ASN B 415 -15.26 -5.40 26.04
N THR B 416 -14.94 -4.97 27.26
CA THR B 416 -15.90 -4.21 28.05
C THR B 416 -16.18 -2.88 27.39
N PHE B 417 -15.12 -2.27 26.85
CA PHE B 417 -15.21 -0.99 26.19
C PHE B 417 -16.24 -1.10 25.07
N ILE B 418 -16.08 -2.09 24.21
CA ILE B 418 -16.97 -2.31 23.09
C ILE B 418 -18.43 -2.49 23.53
N GLN B 419 -18.64 -3.24 24.59
CA GLN B 419 -20.00 -3.44 25.10
C GLN B 419 -20.62 -2.12 25.53
N ARG B 420 -19.87 -1.32 26.27
CA ARG B 420 -20.43 -0.09 26.84
C ARG B 420 -20.58 1.04 25.82
N ILE B 421 -19.79 1.02 24.77
CA ILE B 421 -19.98 1.95 23.67
C ILE B 421 -21.22 1.50 22.90
N GLY B 422 -21.41 0.18 22.83
CA GLY B 422 -22.62 -0.38 22.27
C GLY B 422 -23.89 0.01 23.01
N GLU B 423 -23.77 0.21 24.33
CA GLU B 423 -24.89 0.68 25.14
C GLU B 423 -25.04 2.20 25.08
N HIS B 424 -24.28 2.82 24.18
CA HIS B 424 -24.17 4.28 24.06
C HIS B 424 -24.02 5.03 25.40
N ARG B 425 -23.13 4.54 26.27
CA ARG B 425 -22.89 5.19 27.55
C ARG B 425 -22.09 6.49 27.44
N HIS B 426 -21.45 6.70 26.30
CA HIS B 426 -20.48 7.79 26.12
C HIS B 426 -21.09 9.12 25.66
N ASP B 427 -20.37 10.20 25.91
CA ASP B 427 -20.63 11.48 25.24
C ASP B 427 -20.01 11.47 23.86
N SER B 428 -18.77 10.96 23.78
CA SER B 428 -18.01 10.90 22.54
C SER B 428 -17.05 9.71 22.66
N VAL B 429 -16.59 9.18 21.54
CA VAL B 429 -15.65 8.06 21.59
C VAL B 429 -14.65 8.06 20.45
N LEU B 430 -13.42 7.67 20.76
CA LEU B 430 -12.39 7.49 19.76
C LEU B 430 -12.48 6.04 19.35
N LEU B 431 -12.88 5.80 18.12
CA LEU B 431 -12.99 4.43 17.63
C LEU B 431 -12.59 4.41 16.18
N GLY B 432 -13.08 3.44 15.44
CA GLY B 432 -12.74 3.36 14.03
C GLY B 432 -13.25 2.06 13.44
N TRP B 433 -12.92 1.85 12.17
CA TRP B 433 -13.32 0.66 11.46
C TRP B 433 -12.18 0.23 10.55
N ALA B 434 -11.81 -1.03 10.64
CA ALA B 434 -10.91 -1.63 9.65
C ALA B 434 -11.75 -2.45 8.69
N ALA B 435 -11.78 -2.05 7.42
CA ALA B 435 -12.70 -2.68 6.47
C ALA B 435 -12.44 -4.17 6.27
N ASP B 436 -13.53 -4.90 6.02
CA ASP B 436 -13.51 -6.34 5.91
C ASP B 436 -13.46 -6.75 4.45
N THR B 437 -13.78 -5.81 3.57
CA THR B 437 -13.77 -6.06 2.12
C THR B 437 -13.47 -4.75 1.42
N PRO B 438 -13.11 -4.81 0.13
CA PRO B 438 -12.91 -3.56 -0.60
C PRO B 438 -14.19 -2.90 -1.14
N ASP B 439 -15.37 -3.37 -0.74
CA ASP B 439 -16.61 -2.72 -1.13
C ASP B 439 -16.91 -1.53 -0.23
N PRO B 440 -17.10 -0.34 -0.82
CA PRO B 440 -17.35 0.89 -0.07
C PRO B 440 -18.51 0.77 0.92
N ASP B 441 -19.52 -0.02 0.60
CA ASP B 441 -20.64 -0.17 1.51
C ASP B 441 -20.16 -0.54 2.91
N ASN B 442 -19.04 -1.27 2.96
CA ASN B 442 -18.53 -1.78 4.24
C ASN B 442 -18.17 -0.68 5.23
N PHE B 443 -18.02 0.55 4.74
CA PHE B 443 -17.73 1.71 5.59
C PHE B 443 -18.97 2.48 6.00
N PHE B 444 -20.13 2.04 5.55
CA PHE B 444 -21.32 2.83 5.79
C PHE B 444 -22.40 2.02 6.48
N SER B 445 -22.87 0.97 5.82
CA SER B 445 -23.92 0.15 6.40
C SER B 445 -23.64 -0.39 7.83
N PRO B 446 -22.42 -0.90 8.09
CA PRO B 446 -22.17 -1.48 9.43
C PRO B 446 -21.88 -0.44 10.50
N LEU B 447 -21.90 0.85 10.14
CA LEU B 447 -21.39 1.89 11.03
C LEU B 447 -22.42 2.96 11.37
N LEU B 448 -23.02 3.54 10.32
CA LEU B 448 -23.85 4.73 10.49
C LEU B 448 -25.31 4.56 10.05
N SER B 449 -25.68 3.36 9.64
CA SER B 449 -27.05 3.12 9.18
C SER B 449 -28.04 3.05 10.34
N CYS B 450 -29.32 3.09 10.02
CA CYS B 450 -30.32 2.92 11.05
C CYS B 450 -30.28 1.50 11.62
N THR B 451 -30.12 0.49 10.76
CA THR B 451 -30.11 -0.88 11.28
C THR B 451 -28.84 -1.14 12.12
N ALA B 452 -27.73 -0.51 11.75
CA ALA B 452 -26.54 -0.56 12.59
C ALA B 452 -26.84 0.04 13.95
N THR B 453 -27.50 1.19 13.95
CA THR B 453 -27.85 1.86 15.19
C THR B 453 -28.73 0.95 16.04
N PHE B 454 -29.76 0.37 15.41
CA PHE B 454 -30.70 -0.51 16.11
C PHE B 454 -30.05 -1.80 16.65
N SER B 455 -28.93 -2.18 16.05
CA SER B 455 -28.17 -3.33 16.53
C SER B 455 -27.21 -2.93 17.65
N GLY B 456 -27.14 -1.64 17.96
CA GLY B 456 -26.23 -1.13 18.96
C GLY B 456 -24.79 -1.08 18.49
N LYS B 457 -24.57 -0.76 17.22
CA LYS B 457 -23.24 -0.78 16.60
C LYS B 457 -22.89 0.54 15.93
N ASN B 458 -23.74 1.54 16.12
CA ASN B 458 -23.48 2.86 15.58
C ASN B 458 -22.93 3.76 16.69
N PRO B 459 -21.63 4.04 16.65
CA PRO B 459 -21.02 4.79 17.76
C PRO B 459 -21.53 6.23 17.88
N ALA B 460 -22.05 6.78 16.79
CA ALA B 460 -22.63 8.12 16.79
C ALA B 460 -24.08 8.12 17.26
N ASN B 461 -24.66 6.93 17.42
CA ASN B 461 -26.05 6.84 17.83
C ASN B 461 -26.93 7.63 16.88
N TRP B 462 -26.64 7.50 15.58
CA TRP B 462 -27.17 8.40 14.57
C TRP B 462 -28.01 7.66 13.54
N CYS B 463 -29.32 7.76 13.67
CA CYS B 463 -30.22 7.19 12.68
C CYS B 463 -30.77 8.32 11.82
N ASN B 464 -30.38 8.34 10.55
CA ASN B 464 -30.81 9.35 9.61
C ASN B 464 -31.27 8.67 8.32
N PRO B 465 -32.59 8.51 8.13
CA PRO B 465 -33.14 7.75 7.01
C PRO B 465 -32.75 8.34 5.66
N GLU B 466 -32.58 9.65 5.62
CA GLU B 466 -32.17 10.33 4.40
C GLU B 466 -30.79 9.81 3.96
N PHE B 467 -29.92 9.62 4.95
CA PHE B 467 -28.61 9.03 4.73
C PHE B 467 -28.76 7.58 4.29
N ASP B 468 -29.58 6.84 5.01
CA ASP B 468 -29.78 5.43 4.70
C ASP B 468 -30.27 5.22 3.28
N LEU B 469 -31.07 6.17 2.80
CA LEU B 469 -31.62 6.08 1.45
C LEU B 469 -30.50 6.15 0.43
N LEU B 470 -29.46 6.90 0.72
CA LEU B 470 -28.30 6.97 -0.16
C LEU B 470 -27.63 5.60 -0.27
N LEU B 471 -27.47 4.91 0.87
CA LEU B 471 -26.85 3.58 0.86
C LEU B 471 -27.72 2.58 0.11
N THR B 472 -29.03 2.63 0.35
CA THR B 472 -29.96 1.72 -0.29
C THR B 472 -29.83 1.81 -1.81
N LYS B 473 -29.79 3.04 -2.32
CA LYS B 473 -29.69 3.25 -3.76
C LYS B 473 -28.36 2.77 -4.29
N ALA B 474 -27.29 3.02 -3.53
CA ALA B 474 -25.97 2.56 -3.93
C ALA B 474 -25.91 1.03 -3.96
N LEU B 475 -26.93 0.39 -3.40
CA LEU B 475 -26.98 -1.07 -3.41
C LEU B 475 -27.97 -1.60 -4.47
N ASP B 476 -28.84 -0.73 -4.95
CA ASP B 476 -29.83 -1.11 -5.96
C ASP B 476 -29.22 -1.30 -7.34
N THR B 477 -27.96 -0.88 -7.52
CA THR B 477 -27.32 -0.96 -8.82
C THR B 477 -25.89 -1.50 -8.69
N THR B 478 -25.43 -2.25 -9.69
CA THR B 478 -24.08 -2.82 -9.72
C THR B 478 -23.09 -1.90 -10.45
N ASP B 479 -23.62 -0.85 -11.05
CA ASP B 479 -22.85 0.12 -11.84
C ASP B 479 -21.95 1.02 -11.00
N LEU B 480 -20.65 0.74 -10.97
CA LEU B 480 -19.70 1.51 -10.15
C LEU B 480 -19.85 3.02 -10.26
N ASN B 481 -20.04 3.52 -11.47
CA ASN B 481 -20.27 4.94 -11.69
C ASN B 481 -21.46 5.46 -10.90
N LEU B 482 -22.58 4.76 -10.99
CA LEU B 482 -23.79 5.13 -10.26
C LEU B 482 -23.64 4.97 -8.75
N ARG B 483 -23.01 3.88 -8.33
CA ARG B 483 -22.76 3.65 -6.91
C ARG B 483 -21.98 4.81 -6.33
N LYS B 484 -20.97 5.26 -7.08
CA LYS B 484 -20.09 6.29 -6.57
C LYS B 484 -20.77 7.65 -6.40
N GLN B 485 -21.76 7.94 -7.23
CA GLN B 485 -22.54 9.18 -7.08
C GLN B 485 -23.22 9.20 -5.71
N TYR B 486 -23.80 8.07 -5.35
CA TYR B 486 -24.42 7.95 -4.05
C TYR B 486 -23.41 7.98 -2.91
N TYR B 487 -22.26 7.34 -3.11
CA TYR B 487 -21.25 7.35 -2.06
C TYR B 487 -20.62 8.74 -1.92
N ASP B 488 -20.56 9.48 -3.02
CA ASP B 488 -20.11 10.87 -2.96
C ASP B 488 -21.04 11.65 -2.03
N ALA B 489 -22.34 11.46 -2.21
CA ALA B 489 -23.33 12.21 -1.42
C ALA B 489 -23.33 11.78 0.05
N ALA B 490 -23.06 10.50 0.29
CA ALA B 490 -22.98 10.01 1.66
C ALA B 490 -21.80 10.63 2.38
N GLN B 491 -20.67 10.76 1.69
CA GLN B 491 -19.48 11.37 2.28
C GLN B 491 -19.69 12.83 2.62
N SER B 492 -20.40 13.55 1.76
CA SER B 492 -20.65 14.96 2.03
C SER B 492 -21.58 15.12 3.24
N MET B 493 -22.58 14.25 3.35
CA MET B 493 -23.54 14.36 4.44
C MET B 493 -22.88 14.10 5.80
N ILE B 494 -21.98 13.14 5.86
CA ILE B 494 -21.25 12.85 7.10
C ILE B 494 -20.46 14.08 7.55
N ILE B 495 -19.82 14.74 6.60
CA ILE B 495 -19.04 15.95 6.91
C ILE B 495 -19.94 17.13 7.24
N GLU B 496 -21.09 17.23 6.58
CA GLU B 496 -22.07 18.28 6.85
C GLU B 496 -22.71 18.13 8.23
N GLN B 497 -23.04 16.89 8.60
CA GLN B 497 -23.80 16.63 9.82
C GLN B 497 -22.89 16.25 10.98
N LEU B 498 -21.70 15.75 10.65
CA LEU B 498 -20.72 15.38 11.64
C LEU B 498 -21.27 14.48 12.74
N PRO B 499 -21.86 13.34 12.37
CA PRO B 499 -22.18 12.35 13.40
C PRO B 499 -20.88 11.86 14.00
N LEU B 500 -19.83 11.87 13.18
CA LEU B 500 -18.49 11.54 13.64
C LEU B 500 -17.49 12.35 12.85
N TYR B 501 -16.30 12.51 13.42
CA TYR B 501 -15.23 13.29 12.80
C TYR B 501 -14.12 12.35 12.35
N PRO B 502 -13.93 12.20 11.02
CA PRO B 502 -12.81 11.41 10.49
C PRO B 502 -11.49 12.07 10.87
N ILE B 503 -10.60 11.29 11.47
CA ILE B 503 -9.31 11.83 11.90
C ILE B 503 -8.20 11.39 10.94
N ALA B 504 -8.00 10.08 10.84
CA ALA B 504 -6.88 9.55 10.08
C ALA B 504 -7.05 8.11 9.61
N HIS B 505 -6.14 7.68 8.74
CA HIS B 505 -6.11 6.31 8.25
C HIS B 505 -4.75 5.75 8.58
N GLY B 506 -4.72 4.62 9.27
CA GLY B 506 -3.46 4.07 9.74
C GLY B 506 -2.81 3.05 8.83
N MET B 507 -1.51 2.86 9.04
CA MET B 507 -0.76 1.77 8.44
C MET B 507 -0.93 0.50 9.26
N ARG B 508 -0.98 -0.64 8.57
CA ARG B 508 -1.09 -1.93 9.24
C ARG B 508 0.30 -2.46 9.53
N PHE B 509 0.61 -2.63 10.82
CA PHE B 509 1.92 -3.10 11.26
C PHE B 509 1.81 -4.44 11.97
N GLN B 510 2.86 -5.26 11.87
CA GLN B 510 2.93 -6.50 12.63
C GLN B 510 4.38 -6.91 12.75
N ALA B 511 4.80 -7.28 13.95
CA ALA B 511 6.16 -7.70 14.19
C ALA B 511 6.23 -9.20 14.32
N SER B 512 7.34 -9.80 13.89
CA SER B 512 7.54 -11.24 14.05
C SER B 512 9.03 -11.65 14.00
N SER B 513 9.35 -12.79 14.61
N SER B 513 9.35 -12.77 14.64
CA SER B 513 10.69 -13.34 14.53
CA SER B 513 10.70 -13.32 14.53
C SER B 513 11.08 -13.51 13.06
C SER B 513 11.09 -13.52 13.07
N ALA B 514 12.35 -13.25 12.75
CA ALA B 514 12.85 -13.44 11.39
C ALA B 514 12.67 -14.90 10.96
N ASP B 515 12.34 -15.76 11.92
CA ASP B 515 12.20 -17.17 11.65
C ASP B 515 10.81 -17.58 11.14
N VAL B 516 9.84 -16.69 11.23
CA VAL B 516 8.51 -17.00 10.69
C VAL B 516 8.38 -16.52 9.25
N GLU B 517 7.75 -17.35 8.42
CA GLU B 517 7.47 -17.02 7.03
C GLU B 517 6.00 -17.31 6.79
N GLY B 518 5.48 -16.89 5.64
CA GLY B 518 4.15 -17.29 5.22
C GLY B 518 3.06 -16.42 5.79
N ILE B 519 3.48 -15.25 6.24
CA ILE B 519 2.57 -14.27 6.83
C ILE B 519 2.56 -12.99 6.00
N THR B 520 1.36 -12.49 5.71
CA THR B 520 1.16 -11.20 5.05
C THR B 520 0.07 -10.45 5.78
N LEU B 521 -0.09 -9.16 5.50
CA LEU B 521 -1.10 -8.36 6.21
C LEU B 521 -2.43 -8.18 5.45
N GLY B 522 -2.41 -7.47 4.34
CA GLY B 522 -3.60 -7.28 3.52
C GLY B 522 -4.27 -5.94 3.76
N PRO B 523 -4.88 -5.37 2.70
CA PRO B 523 -5.52 -4.05 2.77
C PRO B 523 -6.93 -4.11 3.36
N PHE B 524 -7.44 -5.32 3.60
CA PHE B 524 -8.71 -5.50 4.29
C PHE B 524 -8.76 -6.89 4.89
N GLY B 525 -9.67 -7.09 5.84
CA GLY B 525 -9.92 -8.42 6.37
C GLY B 525 -8.96 -8.83 7.46
N ALA B 526 -9.13 -10.04 7.97
CA ALA B 526 -8.44 -10.47 9.20
C ALA B 526 -7.06 -11.06 8.93
N ILE B 527 -6.27 -11.15 9.99
CA ILE B 527 -4.99 -11.86 9.93
C ILE B 527 -5.24 -13.34 9.63
N SER B 528 -4.35 -13.95 8.83
CA SER B 528 -4.44 -15.39 8.59
C SER B 528 -3.08 -16.04 8.79
N LEU B 529 -3.06 -17.12 9.55
CA LEU B 529 -1.82 -17.88 9.72
C LEU B 529 -1.92 -19.23 9.01
N ALA B 530 -2.85 -19.32 8.06
CA ALA B 530 -3.09 -20.57 7.34
C ALA B 530 -1.84 -21.05 6.61
N ASN B 531 -0.95 -20.11 6.28
CA ASN B 531 0.24 -20.42 5.50
C ASN B 531 1.51 -20.23 6.29
N ALA B 532 1.35 -19.96 7.58
CA ALA B 532 2.48 -19.65 8.44
C ALA B 532 3.32 -20.88 8.68
N ARG B 533 4.64 -20.70 8.71
CA ARG B 533 5.57 -21.75 9.09
C ARG B 533 6.85 -21.14 9.63
N LYS B 534 7.66 -21.96 10.30
CA LYS B 534 8.93 -21.52 10.87
C LYS B 534 10.13 -22.04 10.10
N LYS B 535 11.27 -21.39 10.28
CA LYS B 535 12.55 -21.83 9.71
C LYS B 535 12.60 -21.46 8.24
#